data_8GD7
#
_entry.id   8GD7
#
_cell.length_a   171.433
_cell.length_b   171.433
_cell.length_c   63.167
_cell.angle_alpha   90.000
_cell.angle_beta   90.000
_cell.angle_gamma   120.000
#
_symmetry.space_group_name_H-M   'P 31 2 1'
#
loop_
_entity.id
_entity.type
_entity.pdbx_description
1 polymer 'DNA polymerase theta'
2 polymer 'DNA Template'
3 polymer 'DNA Primer'
4 non-polymer 'MAGNESIUM ION'
5 non-polymer "2'-3'-DIDEOXYGUANOSINE-5'-TRIPHOSPHATE"
6 non-polymer '2-(3-methyl-2-oxoimidazolidin-1-yl)-4,6-bis(trifluoromethyl)phenyl (4-fluorophenyl)methylcarbamate'
#
loop_
_entity_poly.entity_id
_entity_poly.type
_entity_poly.pdbx_seq_one_letter_code
_entity_poly.pdbx_strand_id
1 'polypeptide(L)'
;SSSSESLSIIDVASDQNLFQTFIKEWRCKKRFSISLACEKIRGSGDDTLVVGLAVCWGGRDAYYFSLGGSGGLDPSLTLK
DRMWYLQSCLRKESDKECSVVIYDFIQSYKILLLSCGISLEQSYEDPKVACWLLDPDSQEPTLHSIVTSFLPHELPLLEG
METSQGIQSLGLNAGSEHSGRYRASVESILIFNSMNQLNSLLQKENLQDVFRKVEMPSQYCLALLELNGIGFSTAECESQ
KHIMQAKLDAIETQAYQLAGHSFSFTSSDDIAEVLFLELKLPPGGSGGQFSTSKDVLNKLKALHPLPGLILEWRRITNAI
TKVVFPLQREKCLNPFLGMERIYPVSQSHTATGRITFTEPNIQNVPRDFEIKMGGSGGMPFSISMRHAFVPFPGGSILAA
DYSQLELRILAHLSHDRRLIQVLNTGADVFRSIAAEWKMIEPESVGDDLRQQAKQICYGIIYGMGAKSLGEQMGIKENDA
ACYIDSFKSRYTGINQFMTETVKNCKRDGFVQTILGRRRYLPGIKDNNPYRKAHAERQAINTIVQGSAADIVKIATVNIQ
KQLETFHSTFKSHGHREGMLQSDGGSGGCPIRGGFFILQLHDELLYEVAEEDVVQVAQIVKNEMESAVKLSVKLKVKVKI
GASWGELKDFDV
;
A
2 'polydeoxyribonucleotide'
;(DG)(DC)(DG)(DA)(DG)(DA)(DC)(DT)(DC)(DC)(DG)(DC)(DG)(DC)(DT)(DG)(DC)(DG)(DA)(DC)
(DG)(DT)(DC)(DG)
;
E
3 'polydeoxyribonucleotide' (DC)(DG)(DA)(DC)(DG)(DT)(DC)(DG)(DC)(DA)(DG)(DC)(DG)(DC) F
#
loop_
_chem_comp.id
_chem_comp.type
_chem_comp.name
_chem_comp.formula
DA DNA linking 2'-DEOXYADENOSINE-5'-MONOPHOSPHATE 'C10 H14 N5 O6 P'
DC DNA linking 2'-DEOXYCYTIDINE-5'-MONOPHOSPHATE 'C9 H14 N3 O7 P'
DG DNA linking 2'-DEOXYGUANOSINE-5'-MONOPHOSPHATE 'C10 H14 N5 O7 P'
DG3 non-polymer 2'-3'-DIDEOXYGUANOSINE-5'-TRIPHOSPHATE 'C10 H16 N5 O12 P3'
DT DNA linking THYMIDINE-5'-MONOPHOSPHATE 'C10 H15 N2 O8 P'
MG non-polymer 'MAGNESIUM ION' 'Mg 2'
Z5X non-polymer '2-(3-methyl-2-oxoimidazolidin-1-yl)-4,6-bis(trifluoromethyl)phenyl (4-fluorophenyl)methylcarbamate' 'C20 H16 F7 N3 O3'
#
# COMPACT_ATOMS: atom_id res chain seq x y z
N LEU A 7 25.04 19.34 -22.14
CA LEU A 7 25.21 17.95 -22.55
C LEU A 7 25.03 17.80 -24.06
N SER A 8 25.22 16.58 -24.57
CA SER A 8 25.10 16.29 -25.99
C SER A 8 23.76 15.59 -26.23
N ILE A 9 22.78 16.33 -26.73
CA ILE A 9 21.49 15.76 -27.10
C ILE A 9 21.57 15.37 -28.57
N ILE A 10 21.60 14.06 -28.83
CA ILE A 10 21.74 13.52 -30.18
C ILE A 10 20.34 13.21 -30.70
N ASP A 11 19.85 14.03 -31.63
CA ASP A 11 18.56 13.78 -32.25
C ASP A 11 18.72 12.65 -33.26
N VAL A 12 18.45 11.42 -32.81
CA VAL A 12 18.72 10.26 -33.64
C VAL A 12 17.75 10.17 -34.81
N ALA A 13 16.51 10.62 -34.62
CA ALA A 13 15.47 10.54 -35.66
C ALA A 13 15.54 11.71 -36.64
N SER A 14 16.74 12.19 -36.94
CA SER A 14 16.94 13.30 -37.86
C SER A 14 17.50 12.89 -39.21
N ASP A 15 18.48 12.00 -39.22
CA ASP A 15 19.03 11.44 -40.45
C ASP A 15 18.93 9.92 -40.38
N GLN A 16 18.65 9.30 -41.52
CA GLN A 16 18.39 7.86 -41.54
C GLN A 16 19.63 7.06 -41.14
N ASN A 17 20.80 7.45 -41.66
CA ASN A 17 22.03 6.76 -41.26
C ASN A 17 22.30 6.93 -39.77
N LEU A 18 22.08 8.14 -39.25
CA LEU A 18 22.26 8.39 -37.83
C LEU A 18 21.31 7.54 -36.99
N PHE A 19 20.04 7.47 -37.40
CA PHE A 19 19.05 6.69 -36.66
C PHE A 19 19.39 5.21 -36.69
N GLN A 20 19.82 4.70 -37.85
CA GLN A 20 20.14 3.29 -37.94
C GLN A 20 21.39 2.94 -37.14
N THR A 21 22.40 3.82 -37.16
CA THR A 21 23.57 3.57 -36.31
C THR A 21 23.20 3.66 -34.83
N PHE A 22 22.27 4.55 -34.47
CA PHE A 22 21.83 4.63 -33.08
C PHE A 22 21.13 3.34 -32.65
N ILE A 23 20.25 2.81 -33.50
CA ILE A 23 19.59 1.54 -33.18
C ILE A 23 20.62 0.42 -33.11
N LYS A 24 21.60 0.43 -34.02
CA LYS A 24 22.67 -0.57 -34.00
C LYS A 24 23.40 -0.57 -32.66
N GLU A 25 23.78 0.62 -32.20
CA GLU A 25 24.46 0.72 -30.90
C GLU A 25 23.53 0.32 -29.75
N TRP A 26 22.26 0.72 -29.83
CA TRP A 26 21.31 0.43 -28.76
C TRP A 26 21.11 -1.06 -28.58
N ARG A 27 21.08 -1.81 -29.69
CA ARG A 27 20.88 -3.25 -29.59
C ARG A 27 22.07 -3.98 -28.97
N CYS A 28 23.19 -3.30 -28.71
CA CYS A 28 24.33 -3.91 -28.04
C CYS A 28 24.34 -3.68 -26.54
N LYS A 29 23.64 -2.66 -26.05
CA LYS A 29 23.74 -2.26 -24.66
C LYS A 29 22.91 -3.18 -23.76
N LYS A 30 23.44 -3.45 -22.57
CA LYS A 30 22.76 -4.23 -21.56
C LYS A 30 22.21 -3.38 -20.43
N ARG A 31 22.40 -2.07 -20.48
CA ARG A 31 21.91 -1.17 -19.44
C ARG A 31 21.79 0.23 -20.02
N PHE A 32 20.63 0.86 -19.81
CA PHE A 32 20.40 2.21 -20.31
C PHE A 32 19.25 2.83 -19.53
N SER A 33 19.23 4.16 -19.50
CA SER A 33 18.19 4.91 -18.84
C SER A 33 17.14 5.37 -19.85
N ILE A 34 15.94 5.67 -19.34
CA ILE A 34 14.81 6.04 -20.17
C ILE A 34 14.08 7.21 -19.52
N SER A 35 13.70 8.19 -20.32
CA SER A 35 12.95 9.34 -19.84
C SER A 35 11.95 9.76 -20.91
N LEU A 36 10.67 9.71 -20.57
CA LEU A 36 9.64 10.16 -21.49
C LEU A 36 9.63 11.68 -21.57
N ALA A 37 9.18 12.19 -22.71
CA ALA A 37 9.15 13.62 -22.99
C ALA A 37 7.69 14.03 -23.24
N CYS A 38 6.98 14.30 -22.15
CA CYS A 38 5.58 14.70 -22.24
C CYS A 38 5.44 16.21 -22.24
N GLU A 39 4.55 16.71 -23.08
CA GLU A 39 4.25 18.14 -23.18
C GLU A 39 2.73 18.30 -23.23
N LYS A 40 2.28 19.51 -23.57
CA LYS A 40 0.87 19.86 -23.57
C LYS A 40 0.28 19.75 -24.97
N ILE A 41 -1.03 19.51 -25.03
CA ILE A 41 -1.76 19.42 -26.28
C ILE A 41 -1.98 20.82 -26.84
N ARG A 42 -0.90 21.45 -27.30
CA ARG A 42 -0.96 22.80 -27.87
C ARG A 42 -1.69 23.79 -26.96
N SER A 44 -5.59 22.14 -28.15
CA SER A 44 -5.40 23.54 -27.79
C SER A 44 -5.37 23.71 -26.27
N GLY A 45 -6.00 22.77 -25.56
CA GLY A 45 -6.04 22.80 -24.11
C GLY A 45 -4.73 22.35 -23.49
N ASP A 46 -4.83 21.78 -22.29
CA ASP A 46 -3.67 21.30 -21.54
C ASP A 46 -3.91 19.85 -21.12
N ASP A 47 -3.23 18.92 -21.77
CA ASP A 47 -3.26 17.52 -21.41
C ASP A 47 -1.95 16.89 -21.85
N THR A 48 -1.65 15.72 -21.28
CA THR A 48 -0.36 15.10 -21.55
C THR A 48 -0.27 14.59 -22.98
N LEU A 49 0.94 14.69 -23.55
CA LEU A 49 1.22 14.18 -24.89
C LEU A 49 2.67 13.72 -24.93
N VAL A 50 2.89 12.44 -25.23
CA VAL A 50 4.25 11.92 -25.34
C VAL A 50 4.87 12.44 -26.63
N VAL A 51 5.76 13.43 -26.52
CA VAL A 51 6.43 13.95 -27.69
C VAL A 51 7.57 13.04 -28.12
N GLY A 52 8.24 12.40 -27.18
CA GLY A 52 9.34 11.52 -27.50
C GLY A 52 9.92 10.82 -26.29
N LEU A 53 11.22 10.56 -26.33
CA LEU A 53 11.88 9.79 -25.28
C LEU A 53 13.37 10.11 -25.33
N ALA A 54 14.07 9.74 -24.25
CA ALA A 54 15.50 9.95 -24.16
C ALA A 54 16.17 8.70 -23.63
N VAL A 55 17.32 8.35 -24.21
CA VAL A 55 18.09 7.17 -23.84
C VAL A 55 19.51 7.59 -23.52
N CYS A 56 20.03 7.09 -22.41
CA CYS A 56 21.43 7.31 -22.03
C CYS A 56 22.03 5.99 -21.57
N TRP A 57 23.18 5.63 -22.15
CA TRP A 57 23.90 4.43 -21.75
C TRP A 57 25.34 4.75 -21.36
N GLY A 58 25.58 5.96 -20.87
CA GLY A 58 26.89 6.37 -20.40
C GLY A 58 27.19 7.82 -20.74
N GLY A 59 27.97 8.46 -19.87
CA GLY A 59 28.39 9.83 -20.08
C GLY A 59 27.22 10.82 -20.06
N ARG A 60 27.53 12.03 -20.52
CA ARG A 60 26.55 13.10 -20.61
C ARG A 60 25.99 13.23 -22.02
N ASP A 61 25.68 12.10 -22.65
CA ASP A 61 25.06 12.07 -23.97
C ASP A 61 23.67 11.45 -23.85
N ALA A 62 22.67 12.17 -24.35
CA ALA A 62 21.28 11.70 -24.32
C ALA A 62 20.76 11.64 -25.75
N TYR A 63 20.32 10.45 -26.15
CA TYR A 63 19.80 10.22 -27.49
C TYR A 63 18.30 10.43 -27.49
N TYR A 64 17.83 11.45 -28.21
CA TYR A 64 16.42 11.79 -28.23
C TYR A 64 15.73 11.05 -29.38
N PHE A 65 14.70 10.28 -29.04
CA PHE A 65 13.92 9.51 -30.00
C PHE A 65 12.61 10.26 -30.20
N SER A 66 12.56 11.09 -31.23
CA SER A 66 11.39 11.94 -31.46
C SER A 66 10.23 11.10 -31.96
N LEU A 67 9.03 11.41 -31.48
CA LEU A 67 7.81 10.69 -31.85
C LEU A 67 6.75 11.66 -32.36
N GLY A 68 7.15 12.78 -32.95
CA GLY A 68 6.22 13.76 -33.46
C GLY A 68 6.68 14.43 -34.74
N LEU A 73 14.38 15.36 -38.81
CA LEU A 73 13.03 15.00 -39.23
C LEU A 73 13.04 14.35 -40.60
N ASP A 74 13.75 13.24 -40.73
CA ASP A 74 13.84 12.54 -42.01
C ASP A 74 12.48 11.93 -42.35
N PRO A 75 11.85 12.34 -43.46
CA PRO A 75 10.50 11.81 -43.76
C PRO A 75 10.47 10.31 -43.99
N SER A 76 11.58 9.71 -44.41
CA SER A 76 11.62 8.27 -44.62
C SER A 76 11.40 7.51 -43.33
N LEU A 77 11.75 8.10 -42.19
CA LEU A 77 11.51 7.50 -40.88
C LEU A 77 10.06 7.77 -40.49
N THR A 78 9.15 7.01 -41.10
CA THR A 78 7.75 7.10 -40.73
C THR A 78 7.57 6.71 -39.27
N LEU A 79 6.54 7.29 -38.64
CA LEU A 79 6.34 7.07 -37.21
C LEU A 79 6.17 5.59 -36.88
N LYS A 80 5.59 4.81 -37.81
CA LYS A 80 5.38 3.40 -37.55
C LYS A 80 6.70 2.63 -37.61
N ASP A 81 7.61 3.02 -38.50
CA ASP A 81 8.96 2.46 -38.48
C ASP A 81 9.66 2.75 -37.16
N ARG A 82 9.52 3.98 -36.68
CA ARG A 82 10.12 4.36 -35.41
C ARG A 82 9.54 3.54 -34.26
N MET A 83 8.23 3.32 -34.28
CA MET A 83 7.60 2.52 -33.23
C MET A 83 8.04 1.06 -33.32
N TRP A 84 8.24 0.55 -34.54
CA TRP A 84 8.76 -0.80 -34.70
C TRP A 84 10.14 -0.92 -34.05
N TYR A 85 11.04 0.01 -34.35
CA TYR A 85 12.37 -0.04 -33.76
C TYR A 85 12.31 0.14 -32.25
N LEU A 86 11.39 0.99 -31.78
CA LEU A 86 11.22 1.20 -30.34
C LEU A 86 10.83 -0.09 -29.65
N GLN A 87 9.81 -0.78 -30.17
CA GLN A 87 9.39 -2.05 -29.58
C GLN A 87 10.48 -3.11 -29.71
N SER A 88 11.27 -3.06 -30.80
CA SER A 88 12.36 -4.00 -30.97
C SER A 88 13.41 -3.83 -29.89
N CYS A 89 13.71 -2.58 -29.53
CA CYS A 89 14.74 -2.31 -28.53
C CYS A 89 14.23 -2.39 -27.10
N LEU A 90 12.92 -2.22 -26.87
CA LEU A 90 12.39 -2.19 -25.52
C LEU A 90 11.89 -3.55 -25.04
N ARG A 91 11.71 -4.52 -25.92
CA ARG A 91 11.21 -5.83 -25.56
C ARG A 91 12.38 -6.80 -25.38
N LYS A 92 12.41 -7.49 -24.23
CA LYS A 92 13.46 -8.44 -23.95
C LYS A 92 13.25 -9.73 -24.75
N GLU A 93 14.36 -10.41 -25.03
CA GLU A 93 14.31 -11.73 -25.64
C GLU A 93 14.86 -12.78 -24.68
N SER A 94 15.32 -13.90 -25.20
CA SER A 94 15.78 -15.01 -24.38
C SER A 94 17.18 -14.72 -23.85
N ASP A 95 17.28 -14.49 -22.54
CA ASP A 95 18.57 -14.30 -21.86
C ASP A 95 19.37 -13.16 -22.47
N LYS A 96 18.70 -12.05 -22.75
CA LYS A 96 19.41 -10.86 -23.20
C LYS A 96 19.96 -10.06 -22.02
N GLU A 97 19.34 -10.19 -20.84
CA GLU A 97 19.86 -9.64 -19.59
C GLU A 97 20.04 -8.13 -19.68
N CYS A 98 19.02 -7.44 -20.17
CA CYS A 98 19.02 -5.99 -20.23
C CYS A 98 18.35 -5.42 -18.99
N SER A 99 18.90 -4.31 -18.49
CA SER A 99 18.40 -3.64 -17.29
C SER A 99 18.13 -2.18 -17.62
N VAL A 100 16.86 -1.82 -17.64
CA VAL A 100 16.45 -0.45 -17.92
C VAL A 100 16.36 0.31 -16.60
N VAL A 101 16.67 1.60 -16.66
CA VAL A 101 16.65 2.47 -15.49
C VAL A 101 15.70 3.62 -15.78
N ILE A 102 14.60 3.70 -15.01
CA ILE A 102 13.60 4.73 -15.19
C ILE A 102 13.22 5.31 -13.84
N TYR A 103 13.06 6.63 -13.80
CA TYR A 103 12.58 7.32 -12.60
C TYR A 103 11.07 7.24 -12.59
N ASP A 104 10.49 6.90 -11.43
CA ASP A 104 9.06 6.63 -11.31
C ASP A 104 8.64 5.57 -12.32
N PHE A 105 9.11 4.36 -12.05
CA PHE A 105 8.98 3.28 -13.02
C PHE A 105 7.52 2.94 -13.31
N ILE A 106 6.65 2.98 -12.28
CA ILE A 106 5.27 2.57 -12.48
C ILE A 106 4.52 3.56 -13.39
N GLN A 107 4.69 4.87 -13.16
CA GLN A 107 4.03 5.85 -14.01
C GLN A 107 4.53 5.77 -15.44
N SER A 108 5.84 5.56 -15.61
CA SER A 108 6.38 5.45 -16.96
C SER A 108 5.87 4.22 -17.68
N TYR A 109 5.82 3.08 -16.97
CA TYR A 109 5.26 1.86 -17.56
C TYR A 109 3.82 2.08 -17.99
N LYS A 110 3.01 2.67 -17.11
CA LYS A 110 1.60 2.92 -17.43
C LYS A 110 1.47 3.85 -18.64
N ILE A 111 2.21 4.97 -18.64
CA ILE A 111 2.07 5.95 -19.70
C ILE A 111 2.56 5.38 -21.02
N LEU A 112 3.65 4.63 -21.00
CA LEU A 112 4.15 3.99 -22.22
C LEU A 112 3.11 3.03 -22.78
N LEU A 113 2.60 2.13 -21.93
CA LEU A 113 1.63 1.14 -22.38
C LEU A 113 0.35 1.80 -22.89
N LEU A 114 -0.05 2.92 -22.31
CA LEU A 114 -1.34 3.51 -22.63
C LEU A 114 -1.28 4.54 -23.76
N SER A 115 -0.12 5.13 -24.03
CA SER A 115 0.00 6.14 -25.08
C SER A 115 0.80 5.67 -26.27
N CYS A 116 1.53 4.55 -26.16
CA CYS A 116 2.35 4.06 -27.26
C CYS A 116 2.12 2.60 -27.59
N GLY A 117 1.37 1.86 -26.78
CA GLY A 117 1.16 0.46 -27.04
C GLY A 117 2.39 -0.39 -26.84
N ILE A 118 3.32 0.06 -26.00
CA ILE A 118 4.58 -0.64 -25.76
C ILE A 118 4.52 -1.27 -24.38
N SER A 119 4.67 -2.59 -24.32
CA SER A 119 4.75 -3.32 -23.06
C SER A 119 6.22 -3.65 -22.81
N LEU A 120 6.84 -2.91 -21.88
CA LEU A 120 8.22 -3.18 -21.53
C LEU A 120 8.37 -4.60 -21.00
N GLU A 121 9.50 -5.24 -21.30
CA GLU A 121 9.74 -6.60 -20.85
C GLU A 121 11.13 -6.81 -20.26
N GLN A 122 11.96 -5.77 -20.21
CA GLN A 122 13.32 -5.92 -19.69
C GLN A 122 13.29 -5.84 -18.16
N SER A 123 14.47 -5.98 -17.56
CA SER A 123 14.62 -5.77 -16.12
C SER A 123 14.62 -4.27 -15.82
N TYR A 124 14.09 -3.93 -14.64
CA TYR A 124 13.83 -2.54 -14.28
C TYR A 124 14.62 -2.18 -13.04
N GLU A 125 15.09 -0.93 -13.00
CA GLU A 125 15.79 -0.38 -11.85
C GLU A 125 15.34 1.05 -11.63
N ASP A 126 14.75 1.32 -10.47
CA ASP A 126 14.21 2.62 -10.12
C ASP A 126 15.09 3.26 -9.05
N PRO A 127 15.57 4.49 -9.27
CA PRO A 127 16.40 5.13 -8.25
C PRO A 127 15.66 5.44 -6.97
N LYS A 128 14.37 5.82 -7.05
CA LYS A 128 13.61 6.10 -5.83
C LYS A 128 13.53 4.88 -4.94
N VAL A 129 13.32 3.71 -5.54
CA VAL A 129 13.24 2.48 -4.77
C VAL A 129 14.58 2.20 -4.10
N ALA A 130 15.68 2.47 -4.79
CA ALA A 130 16.99 2.29 -4.19
C ALA A 130 17.20 3.23 -3.02
N CYS A 131 16.79 4.50 -3.17
CA CYS A 131 16.91 5.46 -2.07
C CYS A 131 16.09 5.03 -0.86
N TRP A 132 14.86 4.56 -1.10
CA TRP A 132 14.05 4.08 0.02
C TRP A 132 14.67 2.84 0.65
N LEU A 133 15.31 1.98 -0.15
CA LEU A 133 15.90 0.77 0.39
C LEU A 133 17.10 1.10 1.27
N LEU A 134 17.91 2.08 0.87
CA LEU A 134 19.06 2.47 1.67
C LEU A 134 18.66 3.15 2.97
N ASP A 135 17.46 3.73 3.04
CA ASP A 135 16.96 4.36 4.26
C ASP A 135 15.45 4.51 4.16
N PRO A 136 14.67 3.60 4.74
CA PRO A 136 13.21 3.70 4.64
C PRO A 136 12.66 4.96 5.28
N ASP A 137 13.36 5.56 6.23
CA ASP A 137 12.92 6.79 6.87
C ASP A 137 13.32 8.04 6.09
N SER A 138 13.98 7.90 4.96
CA SER A 138 14.35 9.05 4.15
C SER A 138 13.11 9.67 3.52
N GLN A 139 13.19 10.96 3.24
CA GLN A 139 12.11 11.67 2.59
C GLN A 139 11.89 11.12 1.17
N GLU A 140 10.71 11.39 0.63
CA GLU A 140 10.36 10.89 -0.69
C GLU A 140 11.35 11.45 -1.72
N PRO A 141 12.12 10.60 -2.40
CA PRO A 141 13.21 11.09 -3.24
C PRO A 141 12.69 11.88 -4.44
N THR A 142 13.31 13.03 -4.68
CA THR A 142 13.11 13.80 -5.89
C THR A 142 14.37 13.74 -6.73
N LEU A 143 14.23 14.03 -8.03
CA LEU A 143 15.39 14.06 -8.91
C LEU A 143 16.46 15.01 -8.37
N HIS A 144 16.03 16.17 -7.86
CA HIS A 144 16.97 17.10 -7.23
C HIS A 144 17.64 16.47 -6.02
N SER A 145 16.87 15.78 -5.17
CA SER A 145 17.45 15.18 -3.98
C SER A 145 18.44 14.08 -4.33
N ILE A 146 18.08 13.22 -5.28
CA ILE A 146 18.99 12.16 -5.71
C ILE A 146 20.27 12.75 -6.30
N VAL A 147 20.13 13.79 -7.12
CA VAL A 147 21.30 14.40 -7.73
C VAL A 147 22.19 15.05 -6.67
N THR A 148 21.58 15.71 -5.69
CA THR A 148 22.35 16.36 -4.64
C THR A 148 23.08 15.33 -3.77
N SER A 149 22.43 14.21 -3.48
CA SER A 149 23.01 13.24 -2.55
C SER A 149 24.00 12.30 -3.23
N PHE A 150 23.86 12.06 -4.54
CA PHE A 150 24.66 11.04 -5.21
C PHE A 150 25.41 11.52 -6.44
N LEU A 151 24.99 12.61 -7.10
CA LEU A 151 25.65 13.08 -8.31
C LEU A 151 25.71 14.60 -8.28
N PRO A 152 26.43 15.18 -7.30
CA PRO A 152 26.37 16.64 -7.11
C PRO A 152 27.01 17.43 -8.24
N HIS A 153 28.06 16.89 -8.87
CA HIS A 153 28.77 17.63 -9.91
C HIS A 153 27.88 17.96 -11.10
N GLU A 154 26.80 17.21 -11.32
CA GLU A 154 25.88 17.48 -12.42
C GLU A 154 24.65 18.25 -11.96
N LEU A 155 24.67 18.80 -10.76
CA LEU A 155 23.53 19.53 -10.21
C LEU A 155 23.29 20.84 -10.97
N PRO A 156 24.34 21.54 -11.46
CA PRO A 156 24.08 22.72 -12.31
C PRO A 156 23.15 22.46 -13.48
N LEU A 157 23.16 21.24 -14.05
CA LEU A 157 22.19 20.88 -15.07
C LEU A 157 20.77 21.13 -14.58
N LEU A 158 20.40 20.50 -13.46
CA LEU A 158 19.11 20.77 -12.84
C LEU A 158 18.96 22.22 -12.41
N GLU A 159 20.07 22.93 -12.21
CA GLU A 159 19.97 24.35 -11.88
C GLU A 159 19.35 25.16 -13.02
N GLY A 160 19.33 24.61 -14.24
CA GLY A 160 18.65 25.29 -15.33
C GLY A 160 17.15 25.42 -15.14
N MET A 161 16.57 24.74 -14.16
CA MET A 161 15.13 24.76 -13.93
C MET A 161 14.86 24.55 -12.44
N GLU A 162 13.58 24.52 -12.08
CA GLU A 162 13.17 24.23 -10.72
C GLU A 162 12.13 23.10 -10.67
N THR A 163 11.82 22.47 -11.80
CA THR A 163 10.83 21.41 -11.83
C THR A 163 11.34 20.15 -11.14
N SER A 164 12.66 19.94 -11.17
CA SER A 164 13.25 18.74 -10.57
C SER A 164 12.96 18.62 -9.08
N GLN A 165 12.51 19.70 -8.45
CA GLN A 165 12.19 19.66 -7.02
C GLN A 165 10.90 18.90 -6.74
N GLY A 166 10.20 18.40 -7.75
CA GLY A 166 8.99 17.62 -7.56
C GLY A 166 9.22 16.14 -7.79
N ILE A 167 8.34 15.33 -7.19
CA ILE A 167 8.49 13.88 -7.27
C ILE A 167 8.15 13.36 -8.67
N GLN A 168 7.37 14.10 -9.45
CA GLN A 168 7.10 13.71 -10.82
C GLN A 168 8.38 13.76 -11.64
N SER A 169 8.48 12.86 -12.61
CA SER A 169 9.64 12.83 -13.50
C SER A 169 9.79 14.17 -14.19
N LEU A 170 11.04 14.65 -14.26
CA LEU A 170 11.31 15.92 -14.90
C LEU A 170 10.86 15.90 -16.36
N GLY A 171 11.16 14.81 -17.08
CA GLY A 171 10.70 14.69 -18.45
C GLY A 171 9.22 14.48 -18.57
N LEU A 172 8.59 13.85 -17.57
CA LEU A 172 7.16 13.63 -17.58
C LEU A 172 6.37 14.84 -17.08
N ASN A 173 7.05 15.89 -16.62
CA ASN A 173 6.38 17.07 -16.08
C ASN A 173 6.17 18.06 -17.22
N ALA A 174 4.97 18.04 -17.80
CA ALA A 174 4.66 18.92 -18.92
C ALA A 174 4.45 20.37 -18.50
N GLY A 175 4.34 20.64 -17.19
CA GLY A 175 4.06 21.99 -16.74
C GLY A 175 5.23 22.94 -16.87
N SER A 176 6.45 22.42 -16.92
CA SER A 176 7.63 23.26 -17.01
C SER A 176 7.67 23.99 -18.35
N GLU A 177 8.19 25.22 -18.33
CA GLU A 177 8.37 25.97 -19.56
C GLU A 177 9.45 25.36 -20.44
N HIS A 178 10.30 24.50 -19.88
CA HIS A 178 11.32 23.82 -20.68
C HIS A 178 10.66 22.84 -21.64
N SER A 179 11.38 22.57 -22.73
CA SER A 179 10.88 21.62 -23.73
C SER A 179 10.91 20.20 -23.17
N GLY A 180 10.15 19.32 -23.82
CA GLY A 180 10.17 17.92 -23.43
C GLY A 180 11.50 17.26 -23.73
N ARG A 181 12.13 17.64 -24.85
CA ARG A 181 13.43 17.06 -25.21
C ARG A 181 14.49 17.36 -24.17
N TYR A 182 14.66 18.63 -23.80
CA TYR A 182 15.71 19.01 -22.85
C TYR A 182 15.49 18.32 -21.51
N ARG A 183 14.24 18.36 -21.02
CA ARG A 183 13.92 17.74 -19.74
C ARG A 183 14.20 16.25 -19.77
N ALA A 184 13.75 15.57 -20.83
CA ALA A 184 13.95 14.13 -20.93
C ALA A 184 15.43 13.77 -21.00
N SER A 185 16.22 14.58 -21.73
CA SER A 185 17.64 14.31 -21.87
C SER A 185 18.36 14.45 -20.52
N VAL A 186 18.09 15.56 -19.83
CA VAL A 186 18.68 15.79 -18.51
C VAL A 186 18.32 14.64 -17.58
N GLU A 187 17.03 14.27 -17.53
CA GLU A 187 16.62 13.18 -16.67
C GLU A 187 17.32 11.87 -17.05
N SER A 188 17.44 11.61 -18.35
CA SER A 188 18.07 10.38 -18.82
C SER A 188 19.48 10.25 -18.25
N ILE A 189 20.33 11.25 -18.51
CA ILE A 189 21.72 11.16 -18.08
C ILE A 189 21.81 11.11 -16.56
N LEU A 190 21.06 12.00 -15.88
CA LEU A 190 21.18 12.08 -14.44
C LEU A 190 20.74 10.78 -13.78
N ILE A 191 19.61 10.22 -14.24
CA ILE A 191 19.11 8.99 -13.67
C ILE A 191 20.07 7.83 -13.93
N PHE A 192 20.64 7.78 -15.13
CA PHE A 192 21.61 6.71 -15.42
C PHE A 192 22.78 6.75 -14.45
N ASN A 193 23.44 7.91 -14.33
CA ASN A 193 24.63 7.98 -13.50
C ASN A 193 24.30 7.82 -12.00
N SER A 194 23.23 8.49 -11.54
CA SER A 194 22.83 8.33 -10.15
C SER A 194 22.44 6.89 -9.84
N MET A 195 21.92 6.16 -10.82
CA MET A 195 21.57 4.77 -10.57
C MET A 195 22.82 3.90 -10.50
N ASN A 196 23.85 4.23 -11.30
CA ASN A 196 25.12 3.53 -11.12
C ASN A 196 25.66 3.73 -9.70
N GLN A 197 25.58 4.96 -9.20
CA GLN A 197 26.06 5.23 -7.84
C GLN A 197 25.22 4.48 -6.80
N LEU A 198 23.90 4.52 -6.95
CA LEU A 198 23.02 3.83 -6.01
C LEU A 198 23.27 2.33 -6.03
N ASN A 199 23.55 1.77 -7.21
CA ASN A 199 23.87 0.36 -7.31
C ASN A 199 25.17 0.04 -6.60
N SER A 200 26.17 0.92 -6.71
CA SER A 200 27.40 0.75 -5.95
C SER A 200 27.10 0.66 -4.45
N LEU A 201 26.30 1.59 -3.93
CA LEU A 201 25.98 1.58 -2.51
C LEU A 201 25.21 0.32 -2.12
N LEU A 202 24.21 -0.05 -2.91
CA LEU A 202 23.40 -1.22 -2.61
C LEU A 202 24.25 -2.49 -2.61
N GLN A 203 25.19 -2.59 -3.55
CA GLN A 203 26.12 -3.72 -3.54
C GLN A 203 27.00 -3.70 -2.31
N LYS A 204 27.39 -2.51 -1.86
CA LYS A 204 28.18 -2.42 -0.63
C LYS A 204 27.41 -2.99 0.56
N GLU A 205 26.13 -2.65 0.67
CA GLU A 205 25.35 -3.07 1.84
C GLU A 205 24.54 -4.35 1.60
N ASN A 206 24.94 -5.17 0.62
CA ASN A 206 24.33 -6.48 0.36
C ASN A 206 22.81 -6.39 0.15
N LEU A 207 22.31 -5.21 -0.25
CA LEU A 207 20.89 -5.00 -0.47
C LEU A 207 20.53 -4.92 -1.94
N GLN A 208 21.50 -5.09 -2.84
CA GLN A 208 21.19 -5.09 -4.27
C GLN A 208 20.33 -6.29 -4.64
N ASP A 209 20.54 -7.43 -3.99
CA ASP A 209 19.71 -8.60 -4.24
C ASP A 209 18.24 -8.30 -3.96
N VAL A 210 17.95 -7.81 -2.75
CA VAL A 210 16.58 -7.46 -2.39
C VAL A 210 16.04 -6.37 -3.29
N PHE A 211 16.92 -5.52 -3.84
CA PHE A 211 16.47 -4.46 -4.72
C PHE A 211 16.04 -5.00 -6.08
N ARG A 212 16.78 -5.97 -6.62
CA ARG A 212 16.53 -6.44 -7.98
C ARG A 212 15.64 -7.68 -8.04
N LYS A 213 15.41 -8.37 -6.93
CA LYS A 213 14.60 -9.59 -6.96
C LYS A 213 13.28 -9.48 -6.19
N VAL A 214 13.11 -8.46 -5.34
CA VAL A 214 11.93 -8.39 -4.50
C VAL A 214 11.23 -7.05 -4.68
N GLU A 215 11.98 -5.95 -4.61
CA GLU A 215 11.36 -4.63 -4.57
C GLU A 215 10.94 -4.16 -5.96
N MET A 216 11.80 -4.33 -6.95
CA MET A 216 11.47 -3.88 -8.30
C MET A 216 10.40 -4.75 -8.95
N PRO A 217 10.45 -6.08 -8.80
CA PRO A 217 9.29 -6.88 -9.24
C PRO A 217 8.00 -6.52 -8.52
N SER A 218 8.07 -6.18 -7.23
CA SER A 218 6.88 -5.72 -6.54
C SER A 218 6.38 -4.40 -7.12
N GLN A 219 7.30 -3.53 -7.54
CA GLN A 219 6.89 -2.30 -8.21
C GLN A 219 6.20 -2.60 -9.53
N TYR A 220 6.69 -3.61 -10.25
CA TYR A 220 6.03 -4.02 -11.49
C TYR A 220 4.62 -4.54 -11.22
N CYS A 221 4.47 -5.38 -10.18
CA CYS A 221 3.13 -5.86 -9.81
C CYS A 221 2.23 -4.71 -9.41
N LEU A 222 2.78 -3.70 -8.74
CA LEU A 222 2.00 -2.54 -8.34
C LEU A 222 1.53 -1.75 -9.56
N ALA A 223 2.40 -1.62 -10.58
CA ALA A 223 2.01 -0.96 -11.81
C ALA A 223 0.90 -1.73 -12.50
N LEU A 224 0.99 -3.06 -12.52
CA LEU A 224 -0.08 -3.87 -13.10
C LEU A 224 -1.39 -3.69 -12.33
N LEU A 225 -1.31 -3.65 -11.00
CA LEU A 225 -2.49 -3.36 -10.19
C LEU A 225 -3.12 -2.03 -10.58
N GLU A 226 -2.30 -0.97 -10.60
CA GLU A 226 -2.81 0.37 -10.93
C GLU A 226 -3.42 0.40 -12.32
N LEU A 227 -2.89 -0.41 -13.24
CA LEU A 227 -3.50 -0.52 -14.56
C LEU A 227 -4.84 -1.23 -14.48
N ASN A 228 -4.95 -2.26 -13.63
CA ASN A 228 -6.22 -2.94 -13.45
C ASN A 228 -7.28 -2.01 -12.86
N GLY A 229 -7.05 -1.52 -11.65
CA GLY A 229 -8.05 -0.76 -10.95
C GLY A 229 -9.10 -1.67 -10.34
N ILE A 230 -9.70 -1.25 -9.22
CA ILE A 230 -10.69 -2.05 -8.54
C ILE A 230 -12.09 -1.64 -9.02
N GLY A 231 -12.96 -2.63 -9.22
CA GLY A 231 -14.30 -2.34 -9.66
C GLY A 231 -15.14 -1.75 -8.54
N PHE A 232 -16.05 -0.84 -8.92
CA PHE A 232 -16.82 -0.10 -7.94
C PHE A 232 -18.27 0.02 -8.42
N SER A 233 -19.21 -0.35 -7.55
CA SER A 233 -20.63 -0.26 -7.86
C SER A 233 -21.20 1.01 -7.25
N THR A 234 -21.78 1.87 -8.10
CA THR A 234 -22.27 3.15 -7.63
C THR A 234 -23.65 3.04 -6.98
N ALA A 235 -24.51 2.14 -7.47
CA ALA A 235 -25.83 1.99 -6.87
C ALA A 235 -25.74 1.41 -5.47
N GLU A 236 -24.81 0.48 -5.25
CA GLU A 236 -24.57 -0.03 -3.90
C GLU A 236 -24.19 1.10 -2.95
N CYS A 237 -23.22 1.93 -3.36
CA CYS A 237 -22.83 3.08 -2.57
C CYS A 237 -24.00 4.01 -2.33
N GLU A 238 -24.85 4.20 -3.35
CA GLU A 238 -26.01 5.08 -3.20
C GLU A 238 -26.95 4.58 -2.12
N SER A 239 -27.30 3.29 -2.16
CA SER A 239 -28.21 2.73 -1.16
C SER A 239 -27.60 2.83 0.24
N GLN A 240 -26.34 2.44 0.38
CA GLN A 240 -25.70 2.46 1.70
C GLN A 240 -25.60 3.90 2.23
N LYS A 241 -25.31 4.85 1.34
CA LYS A 241 -25.22 6.25 1.76
C LYS A 241 -26.58 6.77 2.19
N HIS A 242 -27.65 6.39 1.49
CA HIS A 242 -28.98 6.82 1.91
C HIS A 242 -29.34 6.27 3.29
N ILE A 243 -29.07 4.98 3.52
CA ILE A 243 -29.34 4.42 4.84
C ILE A 243 -28.52 5.13 5.91
N MET A 244 -27.25 5.42 5.62
CA MET A 244 -26.39 6.07 6.60
C MET A 244 -26.86 7.49 6.90
N GLN A 245 -27.30 8.22 5.87
CA GLN A 245 -27.79 9.59 6.11
C GLN A 245 -29.09 9.57 6.90
N ALA A 246 -29.97 8.61 6.62
CA ALA A 246 -31.20 8.48 7.41
C ALA A 246 -30.86 8.22 8.88
N LYS A 247 -29.96 7.28 9.14
CA LYS A 247 -29.57 7.00 10.51
C LYS A 247 -28.87 8.21 11.14
N LEU A 248 -28.14 8.98 10.35
CA LEU A 248 -27.48 10.17 10.89
C LEU A 248 -28.49 11.21 11.35
N ASP A 249 -29.51 11.48 10.52
CA ASP A 249 -30.57 12.40 10.92
C ASP A 249 -31.30 11.88 12.15
N ALA A 250 -31.57 10.58 12.19
CA ALA A 250 -32.22 9.98 13.36
C ALA A 250 -31.37 10.17 14.61
N ILE A 251 -30.05 9.97 14.50
CA ILE A 251 -29.16 10.14 15.63
C ILE A 251 -29.16 11.59 16.11
N GLU A 252 -29.12 12.54 15.17
CA GLU A 252 -29.16 13.94 15.55
C GLU A 252 -30.43 14.26 16.34
N THR A 253 -31.59 13.89 15.80
CA THR A 253 -32.85 14.19 16.47
C THR A 253 -32.94 13.49 17.84
N GLN A 254 -32.56 12.22 17.90
CA GLN A 254 -32.65 11.48 19.15
C GLN A 254 -31.69 12.02 20.20
N ALA A 255 -30.49 12.44 19.78
CA ALA A 255 -29.53 12.99 20.73
C ALA A 255 -29.98 14.35 21.23
N TYR A 256 -30.56 15.18 20.36
CA TYR A 256 -31.07 16.47 20.83
C TYR A 256 -32.30 16.30 21.71
N GLN A 257 -33.06 15.23 21.52
CA GLN A 257 -34.13 14.93 22.47
C GLN A 257 -33.56 14.46 23.81
N LEU A 258 -32.54 13.60 23.78
CA LEU A 258 -31.94 13.09 25.00
C LEU A 258 -31.15 14.15 25.76
N ALA A 259 -30.76 15.24 25.09
CA ALA A 259 -29.99 16.30 25.74
C ALA A 259 -30.82 17.54 26.06
N GLY A 260 -32.08 17.59 25.62
CA GLY A 260 -32.92 18.73 25.86
C GLY A 260 -32.54 19.98 25.10
N HIS A 261 -31.47 19.96 24.32
CA HIS A 261 -31.03 21.10 23.54
C HIS A 261 -30.15 20.60 22.41
N SER A 262 -29.73 21.52 21.55
CA SER A 262 -28.96 21.19 20.36
C SER A 262 -27.48 21.47 20.63
N PHE A 263 -26.68 20.41 20.68
CA PHE A 263 -25.24 20.53 20.81
C PHE A 263 -24.59 20.28 19.44
N SER A 264 -23.26 20.35 19.41
CA SER A 264 -22.48 20.09 18.21
C SER A 264 -21.61 18.86 18.45
N PHE A 265 -21.82 17.83 17.63
CA PHE A 265 -21.05 16.59 17.79
C PHE A 265 -19.57 16.81 17.56
N THR A 266 -19.18 17.84 16.81
CA THR A 266 -17.77 18.16 16.63
C THR A 266 -17.23 18.98 17.79
N SER A 267 -18.05 19.84 18.38
CA SER A 267 -17.63 20.64 19.54
C SER A 267 -17.44 19.73 20.74
N SER A 268 -16.18 19.54 21.14
CA SER A 268 -15.90 18.70 22.30
C SER A 268 -16.41 19.33 23.59
N ASP A 269 -16.40 20.67 23.66
CA ASP A 269 -16.87 21.33 24.87
C ASP A 269 -18.39 21.21 25.01
N ASP A 270 -19.12 21.26 23.89
CA ASP A 270 -20.57 21.08 23.94
C ASP A 270 -20.92 19.72 24.53
N ILE A 271 -20.33 18.66 23.99
CA ILE A 271 -20.65 17.31 24.48
C ILE A 271 -20.11 17.11 25.89
N ALA A 272 -18.98 17.72 26.23
CA ALA A 272 -18.48 17.64 27.61
C ALA A 272 -19.48 18.25 28.58
N GLU A 273 -19.99 19.44 28.24
CA GLU A 273 -21.01 20.08 29.07
C GLU A 273 -22.25 19.21 29.18
N VAL A 274 -22.69 18.61 28.07
CA VAL A 274 -23.91 17.80 28.09
C VAL A 274 -23.72 16.58 28.98
N LEU A 275 -22.59 15.88 28.83
CA LEU A 275 -22.39 14.62 29.55
C LEU A 275 -22.00 14.86 31.01
N PHE A 276 -20.84 15.48 31.25
CA PHE A 276 -20.29 15.53 32.59
C PHE A 276 -20.94 16.57 33.49
N LEU A 277 -21.74 17.47 32.94
CA LEU A 277 -22.36 18.53 33.74
C LEU A 277 -23.88 18.46 33.73
N GLU A 278 -24.50 18.44 32.54
CA GLU A 278 -25.95 18.44 32.45
C GLU A 278 -26.56 17.08 32.77
N LEU A 279 -25.80 15.99 32.63
CA LEU A 279 -26.31 14.65 32.89
C LEU A 279 -25.65 13.98 34.09
N LYS A 280 -24.70 14.66 34.75
CA LYS A 280 -23.99 14.10 35.90
C LYS A 280 -23.34 12.76 35.54
N LEU A 281 -22.72 12.71 34.37
CA LEU A 281 -22.04 11.47 34.04
C LEU A 281 -20.61 11.48 34.58
N PRO A 282 -20.17 10.38 35.18
CA PRO A 282 -18.88 10.37 35.88
C PRO A 282 -17.72 10.58 34.92
N PRO A 283 -16.90 11.62 35.16
CA PRO A 283 -15.73 11.85 34.30
C PRO A 283 -14.70 10.74 34.43
N GLY A 284 -14.53 9.96 33.36
CA GLY A 284 -13.58 8.87 33.36
C GLY A 284 -14.09 7.61 32.68
N GLY A 288 -7.35 13.92 32.16
CA GLY A 288 -7.68 13.69 33.54
C GLY A 288 -9.18 13.65 33.79
N GLN A 289 -9.88 14.67 33.31
CA GLN A 289 -11.33 14.74 33.46
C GLN A 289 -11.88 15.60 32.33
N PHE A 290 -13.21 15.55 32.19
CA PHE A 290 -13.93 16.30 31.14
C PHE A 290 -13.44 15.94 29.75
N SER A 291 -12.94 14.72 29.57
CA SER A 291 -12.42 14.27 28.30
C SER A 291 -13.51 13.54 27.52
N THR A 292 -13.82 14.05 26.33
CA THR A 292 -14.81 13.43 25.45
C THR A 292 -14.15 12.54 24.40
N SER A 293 -13.06 11.87 24.76
CA SER A 293 -12.36 11.00 23.83
C SER A 293 -13.17 9.74 23.57
N LYS A 294 -12.65 8.89 22.68
CA LYS A 294 -13.33 7.65 22.36
C LYS A 294 -13.21 6.65 23.51
N ASP A 295 -12.07 6.64 24.20
CA ASP A 295 -11.87 5.73 25.32
C ASP A 295 -12.85 6.01 26.45
N VAL A 296 -13.15 7.29 26.69
CA VAL A 296 -14.07 7.65 27.76
C VAL A 296 -15.51 7.42 27.33
N LEU A 297 -15.84 7.75 26.08
CA LEU A 297 -17.19 7.55 25.58
C LEU A 297 -17.56 6.07 25.52
N ASN A 298 -16.59 5.20 25.22
CA ASN A 298 -16.88 3.77 25.21
C ASN A 298 -17.27 3.27 26.59
N LYS A 299 -16.60 3.77 27.64
CA LYS A 299 -16.96 3.38 29.00
C LYS A 299 -18.29 3.99 29.40
N LEU A 300 -18.52 5.25 29.04
CA LEU A 300 -19.78 5.92 29.40
C LEU A 300 -20.97 5.36 28.63
N LYS A 301 -20.73 4.64 27.53
CA LYS A 301 -21.81 4.00 26.79
C LYS A 301 -22.61 3.05 27.67
N ALA A 302 -21.96 2.42 28.65
CA ALA A 302 -22.64 1.48 29.54
C ALA A 302 -23.56 2.16 30.54
N LEU A 303 -23.62 3.48 30.56
CA LEU A 303 -24.45 4.23 31.49
C LEU A 303 -25.60 4.95 30.79
N HIS A 304 -25.29 5.89 29.91
CA HIS A 304 -26.28 6.68 29.20
C HIS A 304 -26.27 6.32 27.71
N PRO A 305 -27.41 6.43 27.03
CA PRO A 305 -27.43 6.13 25.59
C PRO A 305 -26.69 7.15 24.74
N LEU A 306 -26.53 8.38 25.21
CA LEU A 306 -25.96 9.43 24.38
C LEU A 306 -24.52 9.19 23.95
N PRO A 307 -23.61 8.66 24.79
CA PRO A 307 -22.26 8.36 24.28
C PRO A 307 -22.25 7.39 23.10
N GLY A 308 -23.08 6.35 23.15
CA GLY A 308 -23.18 5.45 22.01
C GLY A 308 -23.70 6.15 20.77
N LEU A 309 -24.66 7.06 20.93
CA LEU A 309 -25.17 7.82 19.79
C LEU A 309 -24.08 8.71 19.20
N ILE A 310 -23.25 9.31 20.06
CA ILE A 310 -22.16 10.15 19.57
C ILE A 310 -21.14 9.32 18.81
N LEU A 311 -20.83 8.11 19.33
CA LEU A 311 -19.91 7.22 18.62
C LEU A 311 -20.47 6.81 17.27
N GLU A 312 -21.76 6.45 17.21
CA GLU A 312 -22.37 6.10 15.94
C GLU A 312 -22.36 7.27 14.97
N TRP A 313 -22.62 8.48 15.48
CA TRP A 313 -22.59 9.66 14.62
C TRP A 313 -21.20 9.87 14.04
N ARG A 314 -20.16 9.77 14.88
CA ARG A 314 -18.80 9.95 14.39
C ARG A 314 -18.44 8.89 13.36
N ARG A 315 -18.82 7.63 13.62
CA ARG A 315 -18.50 6.56 12.67
C ARG A 315 -19.18 6.80 11.33
N ILE A 316 -20.48 7.10 11.35
CA ILE A 316 -21.23 7.28 10.11
C ILE A 316 -20.74 8.52 9.37
N THR A 317 -20.42 9.59 10.10
CA THR A 317 -19.92 10.79 9.46
C THR A 317 -18.58 10.54 8.80
N ASN A 318 -17.67 9.84 9.49
CA ASN A 318 -16.41 9.47 8.87
C ASN A 318 -16.64 8.63 7.62
N ALA A 319 -17.56 7.67 7.69
CA ALA A 319 -17.79 6.79 6.54
C ALA A 319 -18.34 7.57 5.35
N ILE A 320 -19.26 8.49 5.58
CA ILE A 320 -19.91 9.18 4.46
C ILE A 320 -19.14 10.40 3.95
N THR A 321 -18.24 10.96 4.76
CA THR A 321 -17.45 12.10 4.32
C THR A 321 -16.04 11.74 3.87
N LYS A 322 -15.49 10.62 4.32
CA LYS A 322 -14.12 10.26 4.02
C LYS A 322 -13.98 8.97 3.24
N VAL A 323 -15.09 8.36 2.83
CA VAL A 323 -15.05 7.12 2.07
C VAL A 323 -16.05 7.20 0.92
N VAL A 324 -17.28 7.60 1.21
CA VAL A 324 -18.33 7.63 0.18
C VAL A 324 -17.98 8.65 -0.90
N PHE A 325 -17.83 9.91 -0.52
CA PHE A 325 -17.63 10.99 -1.47
C PHE A 325 -16.31 10.89 -2.22
N PRO A 326 -15.18 10.56 -1.56
CA PRO A 326 -13.94 10.34 -2.33
C PRO A 326 -14.06 9.28 -3.41
N LEU A 327 -14.67 8.14 -3.08
CA LEU A 327 -14.83 7.07 -4.07
C LEU A 327 -15.80 7.47 -5.17
N GLN A 328 -16.90 8.14 -4.81
CA GLN A 328 -17.86 8.59 -5.80
C GLN A 328 -17.26 9.65 -6.72
N ARG A 329 -16.25 10.38 -6.27
CA ARG A 329 -15.57 11.36 -7.13
C ARG A 329 -14.44 10.75 -7.94
N GLU A 330 -13.78 9.71 -7.42
CA GLU A 330 -12.64 9.09 -8.09
C GLU A 330 -13.03 7.97 -9.05
N LYS A 331 -14.33 7.70 -9.22
CA LYS A 331 -14.74 6.58 -10.06
C LYS A 331 -14.61 6.95 -11.53
N CYS A 332 -14.23 5.96 -12.33
CA CYS A 332 -14.10 6.12 -13.77
C CYS A 332 -14.74 4.93 -14.48
N LEU A 333 -15.17 5.15 -15.71
CA LEU A 333 -15.77 4.10 -16.52
C LEU A 333 -14.70 3.39 -17.33
N ASN A 334 -14.76 2.06 -17.35
CA ASN A 334 -13.92 1.26 -18.22
C ASN A 334 -14.78 0.77 -19.37
N PRO A 335 -14.81 1.49 -20.50
CA PRO A 335 -15.78 1.16 -21.56
C PRO A 335 -15.63 -0.25 -22.12
N PHE A 336 -14.40 -0.78 -22.15
CA PHE A 336 -14.20 -2.11 -22.69
C PHE A 336 -14.81 -3.17 -21.79
N LEU A 337 -14.76 -2.97 -20.47
CA LEU A 337 -15.29 -3.91 -19.52
C LEU A 337 -16.76 -3.65 -19.16
N GLY A 338 -17.31 -2.52 -19.58
CA GLY A 338 -18.67 -2.18 -19.18
C GLY A 338 -18.82 -2.02 -17.69
N MET A 339 -17.83 -1.41 -17.04
CA MET A 339 -17.77 -1.36 -15.58
C MET A 339 -17.40 0.05 -15.16
N GLU A 340 -17.56 0.33 -13.88
CA GLU A 340 -17.14 1.59 -13.27
C GLU A 340 -16.07 1.25 -12.23
N ARG A 341 -14.81 1.47 -12.57
CA ARG A 341 -13.70 1.04 -11.74
C ARG A 341 -13.02 2.22 -11.05
N ILE A 342 -12.47 1.94 -9.87
CA ILE A 342 -11.67 2.90 -9.10
C ILE A 342 -10.20 2.61 -9.36
N TYR A 343 -9.43 3.67 -9.64
CA TYR A 343 -8.02 3.54 -10.00
C TYR A 343 -7.16 4.19 -8.93
N PRO A 344 -6.78 3.45 -7.90
CA PRO A 344 -5.95 4.02 -6.83
C PRO A 344 -4.50 4.15 -7.28
N VAL A 345 -3.68 4.71 -6.39
CA VAL A 345 -2.25 4.91 -6.62
C VAL A 345 -1.49 4.21 -5.52
N SER A 346 -0.44 3.48 -5.90
CA SER A 346 0.34 2.72 -4.94
C SER A 346 1.41 3.60 -4.31
N GLN A 347 1.84 3.21 -3.11
CA GLN A 347 2.92 3.91 -2.41
C GLN A 347 3.65 2.90 -1.55
N SER A 348 4.95 2.75 -1.79
CA SER A 348 5.80 1.84 -1.03
C SER A 348 6.84 2.57 -0.19
N HIS A 349 6.93 3.90 -0.29
CA HIS A 349 7.85 4.67 0.53
C HIS A 349 7.39 4.72 1.98
N THR A 350 7.40 3.57 2.65
CA THR A 350 6.99 3.47 4.04
C THR A 350 8.16 2.98 4.88
N ALA A 351 8.09 3.29 6.18
CA ALA A 351 9.18 2.95 7.09
C ALA A 351 9.35 1.45 7.24
N THR A 352 8.28 0.68 7.09
CA THR A 352 8.33 -0.77 7.31
C THR A 352 8.03 -1.56 6.05
N GLY A 353 8.21 -0.96 4.87
CA GLY A 353 8.05 -1.68 3.62
C GLY A 353 6.64 -2.04 3.24
N ARG A 354 5.65 -1.83 4.11
CA ARG A 354 4.26 -2.08 3.75
C ARG A 354 3.86 -1.20 2.57
N ILE A 355 2.83 -1.63 1.85
CA ILE A 355 2.34 -0.92 0.67
C ILE A 355 1.00 -0.29 1.02
N THR A 356 0.91 1.03 0.89
CA THR A 356 -0.33 1.74 1.11
C THR A 356 -0.83 2.29 -0.22
N PHE A 357 -2.04 2.83 -0.21
CA PHE A 357 -2.66 3.37 -1.41
C PHE A 357 -3.17 4.77 -1.15
N THR A 358 -3.37 5.52 -2.24
CA THR A 358 -3.81 6.89 -2.17
C THR A 358 -4.72 7.18 -3.36
N GLU A 359 -5.49 8.25 -3.24
CA GLU A 359 -6.31 8.78 -4.31
C GLU A 359 -7.17 7.73 -5.01
N PRO A 360 -8.13 7.11 -4.29
CA PRO A 360 -8.40 7.21 -2.85
C PRO A 360 -7.71 6.07 -2.11
N ASN A 361 -7.64 6.11 -0.78
CA ASN A 361 -7.07 5.01 -0.01
C ASN A 361 -8.15 3.97 0.20
N ILE A 362 -8.22 3.01 -0.72
CA ILE A 362 -9.22 1.95 -0.66
C ILE A 362 -8.81 0.93 0.39
N GLN A 363 -7.69 1.19 1.07
CA GLN A 363 -7.33 0.37 2.22
C GLN A 363 -8.14 0.76 3.46
N ASN A 364 -8.51 2.03 3.59
CA ASN A 364 -9.23 2.53 4.75
C ASN A 364 -10.74 2.39 4.64
N VAL A 365 -11.21 1.50 3.77
CA VAL A 365 -12.66 1.30 3.62
C VAL A 365 -13.21 0.73 4.92
N PRO A 366 -14.30 1.27 5.46
CA PRO A 366 -14.76 0.85 6.78
C PRO A 366 -15.13 -0.63 6.81
N ARG A 367 -14.92 -1.24 7.98
CA ARG A 367 -15.33 -2.61 8.20
C ARG A 367 -16.86 -2.70 8.21
N ASP A 368 -17.37 -3.93 8.28
CA ASP A 368 -18.80 -4.15 8.29
C ASP A 368 -19.37 -3.73 9.64
N PHE A 369 -20.29 -2.76 9.62
CA PHE A 369 -20.98 -2.32 10.82
C PHE A 369 -22.48 -2.27 10.54
N GLU A 370 -23.26 -2.24 11.61
CA GLU A 370 -24.71 -2.31 11.56
C GLU A 370 -25.34 -1.07 12.18
N ILE A 371 -26.47 -0.65 11.62
CA ILE A 371 -27.25 0.45 12.16
C ILE A 371 -28.71 0.02 12.24
N LYS A 372 -29.30 0.15 13.42
CA LYS A 372 -30.68 -0.28 13.66
C LYS A 372 -31.62 0.90 13.47
N MET A 373 -32.56 0.77 12.53
CA MET A 373 -33.55 1.79 12.25
C MET A 373 -34.95 1.21 12.47
N GLY A 374 -35.83 2.01 13.04
CA GLY A 374 -37.19 1.60 13.35
C GLY A 374 -37.62 2.14 14.70
N GLY A 375 -38.93 2.14 14.91
CA GLY A 375 -39.50 2.69 16.13
C GLY A 375 -39.51 1.73 17.30
N SER A 376 -39.91 0.48 17.05
CA SER A 376 -40.01 -0.53 18.10
C SER A 376 -38.76 -1.39 18.08
N GLY A 377 -37.72 -0.89 18.75
CA GLY A 377 -36.47 -1.62 18.84
C GLY A 377 -35.63 -1.62 17.57
N GLY A 378 -36.05 -0.88 16.54
CA GLY A 378 -35.28 -0.79 15.31
C GLY A 378 -35.29 -2.09 14.52
N MET A 379 -34.59 -2.03 13.38
CA MET A 379 -34.42 -3.17 12.49
C MET A 379 -32.96 -3.23 12.08
N PRO A 380 -32.35 -4.42 12.08
CA PRO A 380 -30.93 -4.53 11.73
C PRO A 380 -30.69 -4.26 10.25
N PHE A 381 -29.74 -3.37 9.96
CA PHE A 381 -29.33 -3.06 8.60
C PHE A 381 -27.81 -3.07 8.57
N SER A 382 -27.24 -4.05 7.87
CA SER A 382 -25.79 -4.18 7.80
C SER A 382 -25.22 -3.22 6.75
N ILE A 383 -24.20 -2.46 7.13
CA ILE A 383 -23.54 -1.54 6.22
C ILE A 383 -22.13 -2.03 5.92
N SER A 384 -21.99 -2.84 4.88
CA SER A 384 -20.69 -3.34 4.43
C SER A 384 -20.25 -2.48 3.25
N MET A 385 -19.39 -1.49 3.52
CA MET A 385 -18.90 -0.64 2.45
C MET A 385 -18.00 -1.39 1.48
N ARG A 386 -17.37 -2.48 1.93
CA ARG A 386 -16.58 -3.32 1.06
C ARG A 386 -17.42 -4.15 0.10
N HIS A 387 -18.74 -3.98 0.13
CA HIS A 387 -19.65 -4.67 -0.80
C HIS A 387 -19.83 -3.91 -2.10
N ALA A 388 -19.50 -2.61 -2.14
CA ALA A 388 -19.58 -1.85 -3.38
C ALA A 388 -18.45 -2.18 -4.34
N PHE A 389 -17.43 -2.90 -3.89
CA PHE A 389 -16.33 -3.33 -4.75
C PHE A 389 -16.64 -4.72 -5.30
N VAL A 390 -16.75 -4.82 -6.62
CA VAL A 390 -17.22 -6.04 -7.26
C VAL A 390 -16.29 -6.37 -8.43
N PRO A 391 -16.24 -7.64 -8.83
CA PRO A 391 -15.44 -8.03 -10.00
C PRO A 391 -16.17 -7.66 -11.29
N PHE A 392 -15.56 -8.06 -12.41
CA PHE A 392 -16.18 -7.83 -13.70
C PHE A 392 -17.35 -8.81 -13.90
N PRO A 393 -18.28 -8.48 -14.80
CA PRO A 393 -19.40 -9.40 -15.06
C PRO A 393 -18.93 -10.81 -15.40
N GLY A 394 -19.32 -11.78 -14.58
CA GLY A 394 -18.84 -13.14 -14.73
C GLY A 394 -17.55 -13.45 -14.04
N GLY A 395 -17.19 -12.69 -13.00
CA GLY A 395 -15.93 -12.88 -12.31
C GLY A 395 -16.09 -13.19 -10.84
N SER A 396 -15.02 -13.01 -10.06
CA SER A 396 -15.06 -13.33 -8.65
C SER A 396 -13.87 -12.69 -7.95
N ILE A 397 -14.14 -11.96 -6.87
CA ILE A 397 -13.08 -11.49 -6.00
C ILE A 397 -12.53 -12.66 -5.19
N LEU A 398 -11.20 -12.72 -5.09
CA LEU A 398 -10.51 -13.83 -4.45
C LEU A 398 -9.53 -13.25 -3.42
N ALA A 399 -9.81 -13.45 -2.14
CA ALA A 399 -9.01 -12.87 -1.06
C ALA A 399 -8.30 -14.00 -0.31
N ALA A 400 -6.97 -13.97 -0.36
CA ALA A 400 -6.15 -14.93 0.38
C ALA A 400 -5.48 -14.21 1.54
N ASP A 401 -5.78 -14.65 2.76
CA ASP A 401 -5.34 -13.98 3.98
C ASP A 401 -4.32 -14.85 4.72
N TYR A 402 -3.26 -14.19 5.18
CA TYR A 402 -2.28 -14.83 6.06
C TYR A 402 -2.86 -14.90 7.47
N SER A 403 -3.06 -16.13 7.97
CA SER A 403 -3.61 -16.32 9.31
C SER A 403 -2.52 -16.05 10.33
N GLN A 404 -2.61 -14.90 11.01
CA GLN A 404 -1.71 -14.53 12.10
C GLN A 404 -0.26 -14.46 11.61
N LEU A 405 -0.02 -13.56 10.65
CA LEU A 405 1.29 -13.46 10.02
C LEU A 405 2.33 -12.94 10.99
N GLU A 406 2.09 -11.76 11.57
CA GLU A 406 3.07 -11.16 12.48
C GLU A 406 3.30 -12.03 13.70
N LEU A 407 2.26 -12.72 14.18
CA LEU A 407 2.43 -13.60 15.33
C LEU A 407 3.29 -14.81 14.97
N ARG A 408 3.13 -15.35 13.76
CA ARG A 408 3.99 -16.45 13.35
C ARG A 408 5.43 -15.99 13.18
N ILE A 409 5.62 -14.77 12.68
CA ILE A 409 6.98 -14.23 12.56
C ILE A 409 7.62 -14.06 13.93
N LEU A 410 6.86 -13.53 14.89
CA LEU A 410 7.37 -13.40 16.25
C LEU A 410 7.64 -14.76 16.89
N ALA A 411 6.85 -15.78 16.53
CA ALA A 411 7.11 -17.13 17.03
C ALA A 411 8.41 -17.68 16.46
N HIS A 412 8.66 -17.46 15.17
CA HIS A 412 9.91 -17.91 14.58
C HIS A 412 11.11 -17.16 15.17
N LEU A 413 10.94 -15.88 15.51
CA LEU A 413 12.04 -15.11 16.08
C LEU A 413 12.28 -15.47 17.55
N SER A 414 11.33 -15.13 18.41
CA SER A 414 11.51 -15.30 19.85
C SER A 414 11.58 -16.76 20.26
N HIS A 415 10.83 -17.63 19.58
CA HIS A 415 10.73 -19.05 19.92
C HIS A 415 10.18 -19.24 21.33
N ASP A 416 9.17 -18.44 21.69
CA ASP A 416 8.51 -18.55 22.99
C ASP A 416 7.46 -19.64 22.89
N ARG A 417 7.74 -20.79 23.51
CA ARG A 417 6.96 -22.00 23.27
C ARG A 417 5.48 -21.81 23.59
N ARG A 418 5.14 -20.86 24.47
CA ARG A 418 3.75 -20.59 24.74
C ARG A 418 3.06 -20.01 23.51
N LEU A 419 3.73 -19.11 22.80
CA LEU A 419 3.16 -18.53 21.60
C LEU A 419 3.03 -19.59 20.50
N ILE A 420 4.04 -20.44 20.33
CA ILE A 420 3.94 -21.54 19.37
C ILE A 420 2.80 -22.47 19.75
N GLN A 421 2.61 -22.72 21.04
CA GLN A 421 1.55 -23.63 21.48
C GLN A 421 0.18 -23.04 21.18
N VAL A 422 -0.05 -21.78 21.56
CA VAL A 422 -1.35 -21.16 21.29
C VAL A 422 -1.55 -20.92 19.81
N LEU A 423 -0.48 -20.94 19.01
CA LEU A 423 -0.64 -20.90 17.56
C LEU A 423 -1.07 -22.26 17.02
N ASN A 424 -0.49 -23.34 17.56
CA ASN A 424 -0.85 -24.67 17.11
C ASN A 424 -2.26 -25.05 17.53
N THR A 425 -2.74 -24.53 18.68
CA THR A 425 -4.07 -24.87 19.15
C THR A 425 -5.15 -24.48 18.15
N GLY A 426 -5.02 -23.28 17.57
CA GLY A 426 -6.00 -22.82 16.58
C GLY A 426 -7.23 -22.20 17.21
N ALA A 427 -7.03 -21.22 18.08
CA ALA A 427 -8.13 -20.52 18.72
C ALA A 427 -7.80 -19.03 18.75
N ASP A 428 -8.82 -18.20 18.49
CA ASP A 428 -8.63 -16.75 18.43
C ASP A 428 -8.03 -16.22 19.73
N VAL A 429 -6.76 -15.80 19.67
CA VAL A 429 -6.12 -15.23 20.85
C VAL A 429 -6.78 -13.92 21.27
N PHE A 430 -7.45 -13.23 20.34
CA PHE A 430 -8.14 -12.00 20.70
C PHE A 430 -9.46 -12.29 21.39
N ARG A 431 -10.20 -13.29 20.91
CA ARG A 431 -11.36 -13.76 21.66
C ARG A 431 -10.93 -14.32 23.01
N SER A 432 -9.75 -14.93 23.08
CA SER A 432 -9.22 -15.40 24.35
C SER A 432 -8.95 -14.23 25.30
N ILE A 433 -8.34 -13.16 24.79
CA ILE A 433 -8.09 -11.97 25.59
C ILE A 433 -9.40 -11.38 26.10
N ALA A 434 -10.38 -11.27 25.20
CA ALA A 434 -11.68 -10.71 25.59
C ALA A 434 -12.39 -11.60 26.60
N ALA A 435 -12.20 -12.92 26.52
CA ALA A 435 -12.80 -13.81 27.51
C ALA A 435 -12.12 -13.65 28.87
N GLU A 436 -10.80 -13.48 28.88
CA GLU A 436 -10.11 -13.20 30.14
C GLU A 436 -10.42 -11.79 30.62
N TRP A 437 -10.67 -10.86 29.70
CA TRP A 437 -10.96 -9.47 30.02
C TRP A 437 -12.36 -9.33 30.61
N LYS A 438 -13.39 -9.51 29.78
CA LYS A 438 -14.77 -9.34 30.21
C LYS A 438 -15.29 -10.48 31.08
N MET A 439 -14.49 -11.53 31.28
CA MET A 439 -14.93 -12.72 32.03
C MET A 439 -16.16 -13.35 31.37
N ILE A 440 -16.05 -13.61 30.06
CA ILE A 440 -17.13 -14.21 29.30
C ILE A 440 -16.63 -15.45 28.59
N GLU A 441 -17.46 -16.04 27.75
CA GLU A 441 -17.06 -17.16 26.91
C GLU A 441 -16.48 -16.65 25.59
N PRO A 442 -15.46 -17.32 25.05
CA PRO A 442 -14.87 -16.86 23.79
C PRO A 442 -15.85 -16.84 22.63
N GLU A 443 -16.85 -17.72 22.64
CA GLU A 443 -17.84 -17.73 21.57
C GLU A 443 -18.76 -16.52 21.64
N SER A 444 -18.83 -15.85 22.79
CA SER A 444 -19.65 -14.65 22.95
C SER A 444 -18.96 -13.38 22.47
N VAL A 445 -17.67 -13.45 22.15
CA VAL A 445 -16.92 -12.26 21.76
C VAL A 445 -17.33 -11.85 20.36
N GLY A 446 -17.92 -10.65 20.24
CA GLY A 446 -18.30 -10.12 18.95
C GLY A 446 -17.14 -9.47 18.22
N ASP A 447 -17.44 -8.91 17.06
CA ASP A 447 -16.40 -8.31 16.23
C ASP A 447 -15.82 -7.06 16.87
N ASP A 448 -16.67 -6.23 17.49
CA ASP A 448 -16.20 -5.02 18.14
C ASP A 448 -15.26 -5.33 19.29
N LEU A 449 -15.69 -6.22 20.19
CA LEU A 449 -14.88 -6.57 21.34
C LEU A 449 -13.63 -7.34 20.93
N ARG A 450 -13.74 -8.20 19.90
CA ARG A 450 -12.56 -8.89 19.41
C ARG A 450 -11.56 -7.93 18.77
N GLN A 451 -12.05 -6.85 18.16
CA GLN A 451 -11.14 -5.87 17.57
C GLN A 451 -10.46 -5.04 18.65
N GLN A 452 -11.22 -4.64 19.67
CA GLN A 452 -10.59 -4.02 20.83
C GLN A 452 -9.53 -4.93 21.43
N ALA A 453 -9.82 -6.22 21.52
CA ALA A 453 -8.85 -7.17 22.08
C ALA A 453 -7.65 -7.35 21.16
N LYS A 454 -7.84 -7.24 19.84
CA LYS A 454 -6.70 -7.27 18.92
C LYS A 454 -5.79 -6.07 19.15
N GLN A 455 -6.38 -4.89 19.30
CA GLN A 455 -5.57 -3.71 19.64
C GLN A 455 -4.83 -3.93 20.95
N ILE A 456 -5.53 -4.46 21.97
CA ILE A 456 -4.90 -4.74 23.25
C ILE A 456 -3.71 -5.68 23.07
N CYS A 457 -3.91 -6.76 22.31
CA CYS A 457 -2.87 -7.76 22.08
C CYS A 457 -1.64 -7.13 21.45
N TYR A 458 -1.80 -6.52 20.26
CA TYR A 458 -0.64 -6.01 19.55
C TYR A 458 0.02 -4.85 20.29
N GLY A 459 -0.78 -4.03 21.00
CA GLY A 459 -0.18 -2.97 21.78
C GLY A 459 0.68 -3.51 22.92
N ILE A 460 0.13 -4.45 23.70
CA ILE A 460 0.89 -5.02 24.81
C ILE A 460 2.16 -5.69 24.28
N ILE A 461 2.06 -6.35 23.13
CA ILE A 461 3.25 -7.00 22.56
C ILE A 461 4.28 -5.96 22.14
N TYR A 462 3.83 -4.83 21.60
CA TYR A 462 4.75 -3.84 21.03
C TYR A 462 5.12 -2.72 22.01
N GLY A 463 4.63 -2.75 23.24
CA GLY A 463 5.07 -1.79 24.24
C GLY A 463 4.02 -0.84 24.75
N MET A 464 2.78 -1.31 24.86
CA MET A 464 1.71 -0.49 25.42
C MET A 464 1.99 -0.20 26.89
N GLY A 465 1.79 1.05 27.29
CA GLY A 465 1.92 1.40 28.69
C GLY A 465 0.70 1.02 29.50
N ALA A 466 0.91 0.87 30.81
CA ALA A 466 -0.19 0.51 31.69
C ALA A 466 -1.27 1.60 31.72
N LYS A 467 -0.86 2.85 31.54
CA LYS A 467 -1.83 3.94 31.52
C LYS A 467 -2.80 3.80 30.36
N SER A 468 -2.29 3.67 29.13
CA SER A 468 -3.16 3.54 27.97
C SER A 468 -3.89 2.21 27.98
N LEU A 469 -3.24 1.15 28.45
CA LEU A 469 -3.91 -0.15 28.54
C LEU A 469 -5.11 -0.08 29.47
N GLY A 470 -4.96 0.61 30.60
CA GLY A 470 -6.08 0.75 31.52
C GLY A 470 -7.15 1.68 31.00
N GLU A 471 -6.74 2.74 30.29
CA GLU A 471 -7.72 3.66 29.73
C GLU A 471 -8.54 3.01 28.62
N GLN A 472 -7.94 2.11 27.86
CA GLN A 472 -8.67 1.40 26.81
C GLN A 472 -9.48 0.25 27.39
N MET A 473 -8.94 -0.45 28.39
CA MET A 473 -9.64 -1.55 29.05
C MET A 473 -10.77 -1.06 29.95
N GLY A 474 -10.92 0.25 30.12
CA GLY A 474 -11.91 0.77 31.04
C GLY A 474 -11.62 0.49 32.49
N ILE A 475 -10.37 0.18 32.83
CA ILE A 475 -9.99 -0.16 34.20
C ILE A 475 -8.98 0.85 34.71
N LYS A 476 -8.41 0.59 35.89
CA LYS A 476 -7.43 1.46 36.48
C LYS A 476 -6.03 1.15 35.97
N GLU A 477 -5.09 2.03 36.29
CA GLU A 477 -3.72 1.86 35.80
C GLU A 477 -3.05 0.65 36.44
N ASN A 478 -3.16 0.51 37.77
CA ASN A 478 -2.50 -0.58 38.47
C ASN A 478 -3.07 -1.94 38.10
N ASP A 479 -4.28 -1.97 37.53
CA ASP A 479 -4.90 -3.21 37.09
C ASP A 479 -4.35 -3.64 35.73
N ALA A 480 -4.28 -2.70 34.79
CA ALA A 480 -3.62 -2.94 33.51
C ALA A 480 -2.15 -3.32 33.71
N ALA A 481 -1.52 -2.79 34.76
CA ALA A 481 -0.16 -3.21 35.08
C ALA A 481 -0.11 -4.69 35.41
N CYS A 482 -1.08 -5.18 36.19
CA CYS A 482 -1.16 -6.61 36.47
C CYS A 482 -1.35 -7.40 35.18
N TYR A 483 -2.19 -6.89 34.26
CA TYR A 483 -2.34 -7.59 32.98
C TYR A 483 -1.02 -7.67 32.22
N ILE A 484 -0.26 -6.57 32.18
CA ILE A 484 1.02 -6.57 31.47
C ILE A 484 2.00 -7.55 32.10
N ASP A 485 2.07 -7.54 33.44
CA ASP A 485 2.97 -8.46 34.12
C ASP A 485 2.56 -9.92 33.90
N SER A 486 1.25 -10.17 33.81
CA SER A 486 0.78 -11.51 33.51
C SER A 486 1.24 -11.94 32.13
N PHE A 487 1.10 -11.07 31.13
CA PHE A 487 1.61 -11.38 29.80
C PHE A 487 3.10 -11.69 29.83
N LYS A 488 3.87 -10.83 30.51
CA LYS A 488 5.33 -11.02 30.55
C LYS A 488 5.72 -12.31 31.26
N SER A 489 4.95 -12.73 32.27
CA SER A 489 5.26 -13.98 32.95
C SER A 489 4.88 -15.18 32.09
N ARG A 490 3.74 -15.11 31.39
CA ARG A 490 3.31 -16.20 30.53
C ARG A 490 4.27 -16.38 29.37
N TYR A 491 4.27 -15.42 28.44
CA TYR A 491 5.07 -15.50 27.22
C TYR A 491 6.42 -14.84 27.50
N THR A 492 7.40 -15.64 27.92
CA THR A 492 8.69 -15.12 28.37
C THR A 492 9.71 -14.99 27.24
N GLY A 493 9.69 -15.90 26.27
CA GLY A 493 10.62 -15.80 25.17
C GLY A 493 10.41 -14.56 24.32
N ILE A 494 9.17 -14.07 24.27
CA ILE A 494 8.88 -12.85 23.52
C ILE A 494 9.61 -11.66 24.13
N ASN A 495 9.54 -11.50 25.45
CA ASN A 495 10.25 -10.41 26.10
C ASN A 495 11.76 -10.63 26.08
N GLN A 496 12.21 -11.88 26.16
CA GLN A 496 13.64 -12.15 26.02
C GLN A 496 14.14 -11.67 24.65
N PHE A 497 13.39 -11.99 23.60
CA PHE A 497 13.78 -11.55 22.26
C PHE A 497 13.64 -10.04 22.10
N MET A 498 12.67 -9.42 22.79
CA MET A 498 12.57 -7.96 22.75
C MET A 498 13.80 -7.31 23.37
N THR A 499 14.27 -7.83 24.51
CA THR A 499 15.47 -7.32 25.13
C THR A 499 16.69 -7.56 24.24
N GLU A 500 16.78 -8.74 23.62
CA GLU A 500 17.86 -8.99 22.68
C GLU A 500 17.79 -8.03 21.49
N THR A 501 16.59 -7.67 21.07
CA THR A 501 16.44 -6.77 19.92
C THR A 501 16.87 -5.35 20.27
N VAL A 502 16.51 -4.87 21.47
CA VAL A 502 16.99 -3.54 21.84
C VAL A 502 18.50 -3.56 22.03
N LYS A 503 19.05 -4.67 22.53
CA LYS A 503 20.51 -4.77 22.65
C LYS A 503 21.19 -4.72 21.28
N ASN A 504 20.66 -5.46 20.30
CA ASN A 504 21.26 -5.47 18.97
C ASN A 504 21.11 -4.11 18.28
N CYS A 505 19.94 -3.49 18.41
CA CYS A 505 19.75 -2.17 17.80
C CYS A 505 20.52 -1.08 18.53
N LYS A 506 20.92 -1.31 19.78
CA LYS A 506 21.74 -0.34 20.49
C LYS A 506 23.21 -0.50 20.11
N ARG A 507 23.68 -1.75 19.97
CA ARG A 507 25.07 -1.95 19.57
C ARG A 507 25.28 -1.61 18.09
N ASP A 508 24.27 -1.83 17.26
CA ASP A 508 24.40 -1.63 15.81
C ASP A 508 23.84 -0.31 15.33
N GLY A 509 22.79 0.20 15.96
CA GLY A 509 22.16 1.43 15.53
C GLY A 509 21.04 1.27 14.54
N PHE A 510 20.59 0.05 14.29
CA PHE A 510 19.55 -0.20 13.29
C PHE A 510 18.99 -1.61 13.49
N VAL A 511 17.86 -1.85 12.85
CA VAL A 511 17.15 -3.13 12.91
C VAL A 511 17.11 -3.72 11.50
N GLN A 512 17.18 -5.04 11.42
CA GLN A 512 17.28 -5.73 10.14
C GLN A 512 16.14 -6.73 9.98
N THR A 513 15.32 -6.54 8.96
CA THR A 513 14.19 -7.43 8.69
C THR A 513 14.72 -8.77 8.18
N ILE A 514 13.81 -9.60 7.66
CA ILE A 514 14.19 -10.95 7.27
C ILE A 514 15.02 -10.94 5.99
N LEU A 515 14.71 -10.04 5.06
CA LEU A 515 15.45 -9.97 3.80
C LEU A 515 16.75 -9.19 3.91
N GLY A 516 17.04 -8.58 5.06
CA GLY A 516 18.23 -7.79 5.24
C GLY A 516 18.03 -6.30 5.14
N ARG A 517 16.80 -5.83 4.96
CA ARG A 517 16.53 -4.40 4.94
C ARG A 517 16.87 -3.79 6.30
N ARG A 518 17.22 -2.51 6.29
CA ARG A 518 17.75 -1.83 7.47
C ARG A 518 16.89 -0.63 7.81
N ARG A 519 16.39 -0.61 9.04
CA ARG A 519 15.71 0.54 9.63
C ARG A 519 16.67 1.21 10.60
N TYR A 520 17.17 2.38 10.24
CA TYR A 520 18.18 3.07 11.04
C TYR A 520 17.49 3.88 12.13
N LEU A 521 17.75 3.54 13.39
CA LEU A 521 17.13 4.18 14.54
C LEU A 521 18.21 4.66 15.50
N PRO A 522 18.71 5.88 15.33
CA PRO A 522 19.70 6.41 16.29
C PRO A 522 19.09 6.80 17.62
N GLY A 523 17.81 7.19 17.63
CA GLY A 523 17.14 7.60 18.85
C GLY A 523 17.15 6.57 19.95
N ILE A 524 17.56 5.34 19.66
CA ILE A 524 17.68 4.32 20.69
C ILE A 524 18.76 4.68 21.70
N LYS A 525 19.63 5.64 21.36
CA LYS A 525 20.64 6.13 22.29
C LYS A 525 20.41 7.57 22.70
N ASP A 526 19.16 8.04 22.62
CA ASP A 526 18.84 9.41 22.98
C ASP A 526 18.88 9.60 24.49
N ASN A 527 18.80 10.86 24.92
CA ASN A 527 18.76 11.19 26.34
C ASN A 527 17.34 11.22 26.90
N ASN A 528 16.41 11.81 26.16
CA ASN A 528 15.02 11.88 26.58
C ASN A 528 14.44 10.48 26.71
N PRO A 529 13.91 10.09 27.87
CA PRO A 529 13.33 8.74 28.00
C PRO A 529 12.22 8.45 27.01
N TYR A 530 11.42 9.45 26.63
CA TYR A 530 10.40 9.24 25.61
C TYR A 530 11.05 8.91 24.26
N ARG A 531 12.10 9.63 23.90
CA ARG A 531 12.78 9.37 22.63
C ARG A 531 13.31 7.94 22.59
N LYS A 532 13.99 7.51 23.64
CA LYS A 532 14.54 6.16 23.68
C LYS A 532 13.42 5.12 23.69
N ALA A 533 12.34 5.37 24.42
CA ALA A 533 11.24 4.42 24.48
C ALA A 533 10.58 4.27 23.11
N HIS A 534 10.32 5.38 22.43
CA HIS A 534 9.72 5.33 21.10
C HIS A 534 10.65 4.65 20.11
N ALA A 535 11.96 4.86 20.23
CA ALA A 535 12.89 4.19 19.33
C ALA A 535 12.92 2.69 19.57
N GLU A 536 12.92 2.27 20.84
CA GLU A 536 12.89 0.84 21.14
C GLU A 536 11.60 0.21 20.64
N ARG A 537 10.48 0.90 20.81
CA ARG A 537 9.20 0.37 20.33
C ARG A 537 9.19 0.30 18.81
N GLN A 538 9.75 1.31 18.13
CA GLN A 538 9.86 1.25 16.68
C GLN A 538 10.70 0.06 16.24
N ALA A 539 11.79 -0.21 16.96
CA ALA A 539 12.64 -1.36 16.65
C ALA A 539 11.85 -2.67 16.76
N ILE A 540 11.25 -2.89 17.94
CA ILE A 540 10.52 -4.13 18.20
C ILE A 540 9.33 -4.27 17.26
N ASN A 541 8.75 -3.17 16.81
CA ASN A 541 7.65 -3.26 15.86
C ASN A 541 8.14 -3.58 14.46
N THR A 542 9.13 -2.82 13.97
CA THR A 542 9.56 -2.95 12.58
C THR A 542 10.18 -4.31 12.33
N ILE A 543 10.89 -4.89 13.32
CA ILE A 543 11.53 -6.19 13.12
C ILE A 543 10.52 -7.24 12.67
N VAL A 544 9.24 -7.06 13.00
CA VAL A 544 8.19 -7.99 12.63
C VAL A 544 7.33 -7.45 11.50
N GLN A 545 7.00 -6.16 11.53
CA GLN A 545 6.10 -5.60 10.54
C GLN A 545 6.75 -5.55 9.17
N GLY A 546 8.02 -5.13 9.11
CA GLY A 546 8.71 -5.13 7.84
C GLY A 546 8.92 -6.53 7.29
N SER A 547 9.16 -7.50 8.17
CA SER A 547 9.27 -8.88 7.73
C SER A 547 7.95 -9.38 7.14
N ALA A 548 6.83 -9.02 7.78
CA ALA A 548 5.53 -9.38 7.23
C ALA A 548 5.32 -8.75 5.85
N ALA A 549 5.68 -7.47 5.71
CA ALA A 549 5.55 -6.81 4.41
C ALA A 549 6.43 -7.48 3.36
N ASP A 550 7.64 -7.90 3.75
CA ASP A 550 8.55 -8.57 2.83
C ASP A 550 7.97 -9.91 2.39
N ILE A 551 7.43 -10.68 3.33
CA ILE A 551 6.83 -11.97 2.97
C ILE A 551 5.65 -11.77 2.03
N VAL A 552 4.82 -10.74 2.30
CA VAL A 552 3.70 -10.44 1.42
C VAL A 552 4.21 -10.09 0.01
N LYS A 553 5.29 -9.30 -0.06
CA LYS A 553 5.82 -8.92 -1.37
C LYS A 553 6.35 -10.13 -2.13
N ILE A 554 7.09 -11.01 -1.45
CA ILE A 554 7.59 -12.23 -2.09
C ILE A 554 6.43 -13.08 -2.59
N ALA A 555 5.41 -13.26 -1.76
CA ALA A 555 4.23 -13.99 -2.18
C ALA A 555 3.63 -13.37 -3.44
N THR A 556 3.50 -12.04 -3.46
CA THR A 556 2.87 -11.37 -4.59
C THR A 556 3.65 -11.59 -5.88
N VAL A 557 4.98 -11.44 -5.81
CA VAL A 557 5.78 -11.55 -7.03
C VAL A 557 5.77 -12.98 -7.54
N ASN A 558 5.85 -13.97 -6.64
CA ASN A 558 5.79 -15.36 -7.09
C ASN A 558 4.41 -15.69 -7.67
N ILE A 559 3.34 -15.18 -7.05
CA ILE A 559 2.00 -15.41 -7.60
C ILE A 559 1.88 -14.84 -9.00
N GLN A 560 2.41 -13.63 -9.20
CA GLN A 560 2.32 -13.02 -10.53
C GLN A 560 3.14 -13.78 -11.55
N LYS A 561 4.34 -14.23 -11.17
CA LYS A 561 5.15 -15.04 -12.08
C LYS A 561 4.43 -16.33 -12.47
N GLN A 562 3.84 -17.02 -11.47
CA GLN A 562 3.13 -18.26 -11.75
C GLN A 562 1.93 -18.03 -12.65
N LEU A 563 1.15 -16.97 -12.37
CA LEU A 563 0.00 -16.65 -13.21
C LEU A 563 0.42 -16.31 -14.63
N GLU A 564 1.60 -15.71 -14.79
CA GLU A 564 2.12 -15.43 -16.13
C GLU A 564 2.66 -16.67 -16.82
N THR A 565 3.01 -17.71 -16.05
CA THR A 565 3.50 -18.94 -16.64
C THR A 565 2.44 -19.61 -17.52
N PHE A 566 1.25 -19.85 -16.95
CA PHE A 566 0.20 -20.50 -17.72
C PHE A 566 -0.28 -19.65 -18.90
N HIS A 567 0.01 -18.35 -18.89
CA HIS A 567 -0.29 -17.44 -20.00
C HIS A 567 -1.75 -17.57 -20.42
N SER A 568 -2.01 -17.51 -21.74
CA SER A 568 -3.37 -17.48 -22.27
C SER A 568 -4.21 -16.44 -21.55
N THR A 569 -3.56 -15.37 -21.11
CA THR A 569 -4.14 -14.38 -20.20
C THR A 569 -3.36 -13.10 -20.36
N PHE A 570 -4.07 -11.97 -20.23
CA PHE A 570 -3.44 -10.66 -20.30
C PHE A 570 -2.93 -10.29 -18.91
N LYS A 571 -1.67 -9.81 -18.86
CA LYS A 571 -1.02 -9.49 -17.59
C LYS A 571 -1.89 -8.55 -16.76
N SER A 572 -2.19 -7.38 -17.30
CA SER A 572 -3.05 -6.40 -16.68
C SER A 572 -4.25 -6.13 -17.56
N HIS A 573 -5.27 -5.50 -16.97
CA HIS A 573 -6.41 -5.06 -17.78
C HIS A 573 -5.97 -4.07 -18.85
N GLY A 574 -5.22 -3.04 -18.46
CA GLY A 574 -4.71 -2.05 -19.38
C GLY A 574 -4.13 -2.66 -20.64
N HIS A 575 -3.35 -3.74 -20.46
CA HIS A 575 -2.81 -4.47 -21.60
C HIS A 575 -3.92 -4.94 -22.53
N ARG A 576 -4.99 -5.52 -21.97
CA ARG A 576 -6.01 -6.13 -22.81
C ARG A 576 -6.89 -5.08 -23.48
N GLU A 577 -7.20 -3.97 -22.80
CA GLU A 577 -7.93 -2.92 -23.51
C GLU A 577 -7.06 -2.20 -24.52
N GLY A 578 -5.74 -2.17 -24.31
CA GLY A 578 -4.85 -1.66 -25.35
C GLY A 578 -4.83 -2.56 -26.57
N MET A 579 -4.88 -3.88 -26.35
CA MET A 579 -4.91 -4.80 -27.47
C MET A 579 -6.24 -4.72 -28.22
N LEU A 580 -7.35 -4.62 -27.49
CA LEU A 580 -8.67 -4.60 -28.12
C LEU A 580 -8.78 -3.45 -29.12
N GLN A 581 -8.16 -2.32 -28.83
CA GLN A 581 -8.20 -1.16 -29.72
C GLN A 581 -7.54 -1.46 -31.07
N CYS A 589 -11.80 -10.49 -27.55
CA CYS A 589 -11.03 -11.29 -26.60
C CYS A 589 -11.81 -11.48 -25.30
N PRO A 590 -11.73 -12.69 -24.72
CA PRO A 590 -12.40 -12.94 -23.44
C PRO A 590 -11.47 -12.81 -22.25
N ILE A 591 -12.01 -12.36 -21.13
CA ILE A 591 -11.25 -12.26 -19.89
C ILE A 591 -11.11 -13.66 -19.30
N ARG A 592 -9.88 -14.04 -18.96
CA ARG A 592 -9.62 -15.41 -18.50
C ARG A 592 -8.30 -15.40 -17.72
N GLY A 593 -8.39 -15.15 -16.43
CA GLY A 593 -7.21 -15.16 -15.58
C GLY A 593 -7.42 -14.31 -14.35
N GLY A 594 -6.37 -14.27 -13.51
CA GLY A 594 -6.38 -13.45 -12.33
C GLY A 594 -5.90 -12.04 -12.58
N PHE A 595 -6.32 -11.12 -11.71
CA PHE A 595 -6.00 -9.72 -11.88
C PHE A 595 -5.80 -9.08 -10.51
N PHE A 596 -4.59 -8.60 -10.26
CA PHE A 596 -4.28 -7.93 -9.00
C PHE A 596 -5.07 -6.64 -8.87
N ILE A 597 -5.72 -6.44 -7.72
CA ILE A 597 -6.59 -5.29 -7.55
C ILE A 597 -6.26 -4.54 -6.26
N LEU A 598 -5.92 -5.27 -5.20
CA LEU A 598 -5.64 -4.62 -3.92
C LEU A 598 -4.80 -5.56 -3.06
N GLN A 599 -4.00 -4.96 -2.18
CA GLN A 599 -3.15 -5.69 -1.24
C GLN A 599 -3.34 -5.13 0.17
N LEU A 600 -4.15 -5.81 0.98
CA LEU A 600 -4.12 -5.53 2.41
C LEU A 600 -2.80 -6.03 2.99
N HIS A 601 -2.41 -5.45 4.12
CA HIS A 601 -1.07 -5.65 4.64
C HIS A 601 -0.78 -7.09 5.04
N ASP A 602 -1.80 -7.94 5.15
CA ASP A 602 -1.58 -9.36 5.37
C ASP A 602 -2.52 -10.21 4.51
N GLU A 603 -3.07 -9.65 3.45
CA GLU A 603 -4.10 -10.32 2.66
C GLU A 603 -4.09 -9.76 1.25
N LEU A 604 -4.12 -10.65 0.26
CA LEU A 604 -4.07 -10.28 -1.15
C LEU A 604 -5.45 -10.46 -1.78
N LEU A 605 -5.81 -9.53 -2.67
CA LEU A 605 -7.07 -9.58 -3.41
C LEU A 605 -6.78 -9.69 -4.90
N TYR A 606 -7.48 -10.60 -5.58
CA TYR A 606 -7.39 -10.76 -7.01
C TYR A 606 -8.80 -10.77 -7.60
N GLU A 607 -8.89 -10.56 -8.91
CA GLU A 607 -10.15 -10.54 -9.63
C GLU A 607 -10.09 -11.60 -10.72
N VAL A 608 -10.49 -12.82 -10.37
CA VAL A 608 -10.31 -13.98 -11.24
C VAL A 608 -11.55 -14.17 -12.10
N ALA A 609 -11.33 -14.50 -13.37
CA ALA A 609 -12.43 -14.95 -14.22
C ALA A 609 -12.93 -16.31 -13.73
N GLU A 610 -14.19 -16.62 -14.09
CA GLU A 610 -14.85 -17.80 -13.54
C GLU A 610 -14.08 -19.08 -13.85
N GLU A 611 -13.77 -19.31 -15.14
CA GLU A 611 -13.16 -20.56 -15.56
C GLU A 611 -11.85 -20.86 -14.84
N ASP A 612 -11.26 -19.86 -14.17
CA ASP A 612 -9.98 -20.04 -13.51
C ASP A 612 -10.05 -19.84 -12.00
N VAL A 613 -11.23 -19.55 -11.44
CA VAL A 613 -11.32 -19.26 -10.00
C VAL A 613 -10.70 -20.39 -9.19
N VAL A 614 -10.75 -21.61 -9.70
CA VAL A 614 -10.08 -22.72 -9.04
C VAL A 614 -8.56 -22.60 -9.22
N GLN A 615 -8.12 -22.64 -10.48
CA GLN A 615 -6.68 -22.70 -10.78
C GLN A 615 -5.93 -21.57 -10.07
N VAL A 616 -6.34 -20.33 -10.35
CA VAL A 616 -5.66 -19.17 -9.76
C VAL A 616 -5.60 -19.30 -8.24
N ALA A 617 -6.67 -19.81 -7.63
CA ALA A 617 -6.69 -19.97 -6.18
C ALA A 617 -5.56 -20.88 -5.73
N GLN A 618 -5.42 -22.04 -6.39
CA GLN A 618 -4.32 -22.94 -6.05
C GLN A 618 -2.97 -22.29 -6.29
N ILE A 619 -2.91 -21.30 -7.18
CA ILE A 619 -1.68 -20.53 -7.37
C ILE A 619 -1.43 -19.62 -6.18
N VAL A 620 -2.48 -18.97 -5.66
CA VAL A 620 -2.28 -18.00 -4.59
C VAL A 620 -1.94 -18.70 -3.28
N LYS A 621 -2.56 -19.85 -3.02
CA LYS A 621 -2.30 -20.54 -1.76
C LYS A 621 -0.94 -21.22 -1.76
N ASN A 622 -0.55 -21.82 -2.90
CA ASN A 622 0.72 -22.54 -2.95
C ASN A 622 1.89 -21.58 -2.83
N GLU A 623 1.81 -20.42 -3.47
CA GLU A 623 2.92 -19.46 -3.41
C GLU A 623 2.98 -18.79 -2.03
N MET A 624 1.83 -18.30 -1.55
CA MET A 624 1.80 -17.62 -0.25
C MET A 624 2.34 -18.53 0.86
N GLU A 625 1.94 -19.80 0.87
CA GLU A 625 2.49 -20.73 1.84
C GLU A 625 3.97 -20.98 1.58
N SER A 626 4.37 -21.07 0.31
CA SER A 626 5.76 -21.33 -0.06
C SER A 626 6.46 -20.06 -0.51
N ALA A 627 6.35 -19.00 0.30
CA ALA A 627 7.08 -17.77 0.05
C ALA A 627 8.35 -17.65 0.87
N VAL A 628 8.44 -18.37 1.98
CA VAL A 628 9.61 -18.33 2.87
C VAL A 628 9.52 -19.48 3.85
N LYS A 629 10.65 -20.08 4.20
CA LYS A 629 10.70 -21.22 5.10
C LYS A 629 10.84 -20.73 6.53
N LEU A 630 9.88 -21.11 7.39
CA LEU A 630 9.87 -20.75 8.79
C LEU A 630 9.80 -22.01 9.65
N SER A 631 10.13 -21.85 10.93
CA SER A 631 9.91 -22.93 11.89
C SER A 631 8.43 -23.17 12.14
N VAL A 632 7.58 -22.19 11.83
CA VAL A 632 6.14 -22.33 11.90
C VAL A 632 5.59 -22.19 10.48
N LYS A 633 4.75 -23.14 10.07
CA LYS A 633 4.22 -23.12 8.71
C LYS A 633 3.27 -21.94 8.53
N LEU A 634 3.29 -21.35 7.34
CA LEU A 634 2.46 -20.19 7.04
C LEU A 634 1.07 -20.67 6.62
N LYS A 635 0.07 -20.36 7.44
CA LYS A 635 -1.30 -20.75 7.16
C LYS A 635 -1.97 -19.68 6.29
N VAL A 636 -2.64 -20.12 5.24
CA VAL A 636 -3.33 -19.24 4.31
C VAL A 636 -4.81 -19.65 4.28
N LYS A 637 -5.70 -18.65 4.24
CA LYS A 637 -7.12 -18.89 4.13
C LYS A 637 -7.63 -18.17 2.89
N VAL A 638 -8.23 -18.92 1.97
CA VAL A 638 -8.70 -18.38 0.70
C VAL A 638 -10.21 -18.24 0.74
N LYS A 639 -10.71 -17.10 0.30
CA LYS A 639 -12.14 -16.82 0.22
C LYS A 639 -12.46 -16.33 -1.18
N ILE A 640 -13.65 -16.69 -1.67
CA ILE A 640 -14.12 -16.32 -2.99
C ILE A 640 -15.48 -15.66 -2.82
N GLY A 641 -15.77 -14.68 -3.67
CA GLY A 641 -17.05 -14.02 -3.56
C GLY A 641 -17.37 -13.17 -4.77
N ALA A 642 -18.59 -12.65 -4.77
CA ALA A 642 -19.05 -11.72 -5.79
C ALA A 642 -18.81 -10.27 -5.41
N SER A 643 -18.09 -10.03 -4.30
CA SER A 643 -17.73 -8.70 -3.84
C SER A 643 -16.77 -8.85 -2.67
N TRP A 644 -16.02 -7.78 -2.40
CA TRP A 644 -15.11 -7.77 -1.26
C TRP A 644 -15.85 -7.86 0.07
N GLY A 645 -17.16 -7.65 0.08
CA GLY A 645 -17.94 -7.76 1.30
C GLY A 645 -18.64 -9.10 1.45
N GLU A 646 -18.98 -9.73 0.33
CA GLU A 646 -19.69 -11.00 0.34
C GLU A 646 -18.72 -12.12 -0.05
N LEU A 647 -17.77 -12.40 0.84
CA LEU A 647 -16.74 -13.39 0.62
C LEU A 647 -17.01 -14.61 1.48
N LYS A 648 -16.92 -15.80 0.87
CA LYS A 648 -17.16 -17.06 1.55
C LYS A 648 -15.97 -17.99 1.33
N ASP A 649 -15.67 -18.81 2.34
CA ASP A 649 -14.46 -19.61 2.31
C ASP A 649 -14.45 -20.55 1.11
N PHE A 650 -13.26 -20.71 0.51
CA PHE A 650 -13.04 -21.57 -0.63
C PHE A 650 -12.23 -22.79 -0.23
N ASP A 651 -12.36 -23.85 -1.01
CA ASP A 651 -11.68 -25.12 -0.70
C ASP A 651 -10.20 -25.05 -1.04
N VAL A 652 -9.88 -24.92 -2.33
CA VAL A 652 -8.51 -24.89 -2.84
C VAL A 652 -7.72 -26.13 -2.43
MG MG D . -5.68 -11.00 9.16
PG DG3 E . -8.03 -11.29 11.59
O1G DG3 E . -8.20 -11.10 10.08
O2G DG3 E . -8.38 -12.65 12.15
O3G DG3 E . -8.52 -10.13 12.42
O3B DG3 E . -6.30 -11.24 11.75
PB DG3 E . -5.06 -10.49 12.27
O1B DG3 E . -3.83 -10.78 11.45
O2B DG3 E . -4.80 -10.47 13.74
O3A DG3 E . -5.43 -8.84 11.97
PA DG3 E . -5.94 -7.77 10.99
O1A DG3 E . -6.11 -8.18 9.55
O2A DG3 E . -6.69 -6.57 11.52
O5' DG3 E . -4.29 -7.01 10.85
C5' DG3 E . -3.31 -7.77 10.31
C4' DG3 E . -1.94 -7.38 10.90
O4' DG3 E . -1.83 -5.96 10.94
C3' DG3 E . -1.67 -7.87 12.31
C2' DG3 E . -0.72 -6.82 12.87
C1' DG3 E . -1.18 -5.57 12.10
N9 DG3 E . -2.13 -4.79 12.92
C8 DG3 E . -3.55 -4.67 12.83
N7 DG3 E . -4.02 -3.83 13.81
C5 DG3 E . -2.89 -3.42 14.52
C6 DG3 E . -2.82 -2.53 15.65
O6 DG3 E . -3.68 -1.93 16.26
N1 DG3 E . -1.47 -2.37 16.09
C2 DG3 E . -0.39 -3.00 15.49
N2 DG3 E . 0.91 -2.72 16.06
N3 DG3 E . -0.42 -3.83 14.44
C4 DG3 E . -1.72 -4.01 13.98
C01 Z5X F . -2.58 -11.46 30.55
C03 Z5X F . -4.23 -10.37 28.98
C04 Z5X F . -3.93 -9.03 28.83
C05 Z5X F . -4.94 -8.12 28.58
C06 Z5X F . -6.25 -8.56 28.48
C08 Z5X F . -6.55 -9.89 28.62
C09 Z5X F . -5.54 -10.81 28.88
C10 Z5X F . -2.71 -12.15 28.12
C12 Z5X F . -2.58 -12.46 25.77
C13 Z5X F . -2.84 -13.78 25.43
C15 Z5X F . -5.22 -14.43 26.17
C16 Z5X F . -5.79 -15.44 27.12
C18 Z5X F . -4.81 -17.26 28.66
C19 Z5X F . -3.45 -15.66 27.13
C21 Z5X F . -2.19 -14.35 24.34
C22 Z5X F . -1.29 -13.59 23.60
C23 Z5X F . -0.57 -14.23 22.43
C27 Z5X F . -1.03 -12.28 23.94
C28 Z5X F . -1.69 -11.70 25.02
C29 Z5X F . -1.40 -10.25 25.38
F07 Z5X F . -7.25 -7.66 28.23
F24 Z5X F . 0.75 -14.40 22.74
F25 Z5X F . -1.12 -15.44 22.14
F26 Z5X F . -0.68 -13.41 21.33
F30 Z5X F . -2.50 -9.48 25.15
F31 Z5X F . -0.37 -9.80 24.60
F32 Z5X F . -1.04 -10.16 26.69
N02 Z5X F . -3.17 -11.33 29.23
N14 Z5X F . -3.78 -14.57 26.19
N17 Z5X F . -4.70 -16.19 27.69
O11 Z5X F . -3.25 -11.88 26.85
O20 Z5X F . -2.35 -16.04 27.39
O33 Z5X F . -1.91 -12.99 28.28
#